data_3GG4
#
_entry.id   3GG4
#
_cell.length_a   60.789
_cell.length_b   110.393
_cell.length_c   80.952
_cell.angle_alpha   90.00
_cell.angle_beta   99.13
_cell.angle_gamma   90.00
#
_symmetry.space_group_name_H-M   'P 1 21 1'
#
loop_
_entity.id
_entity.type
_entity.pdbx_description
1 polymer 'glycerol kinase'
2 non-polymer 2-[BIS-(2-HYDROXY-ETHYL)-AMINO]-2-HYDROXYMETHYL-PROPANE-1,3-DIOL
3 water water
#
_entity_poly.entity_id   1
_entity_poly.type   'polypeptide(L)'
_entity_poly.pdbx_seq_one_letter_code
;(MSE)SLASYFIGVDVGTGSARAGVFDLQGR(MSE)VGQASREIT(MSE)FKPKADFVEQSSENIWQAVCNAVRDAVNQA
DINPIQVKGLGFDATCSLVVLDKEGNPLTVSPSGRNEQNVIVW(MSE)DHRAITQAERINATKHPVLEFVGGVISPE
(MSE)QTPKLLWLKQH(MSE)PNTWSNVGHLFDLPDFLTWRATKDETRSLCSTVCKWTYLGHEDRWDPSYFKLVGLADLL
DNNAAKIGATVKP(MSE)GAPLGHGLSQRAASE(MSE)GLIPGTAVSVSIIDAHAGTIGILGASGVTGENANFDRRIALI
GGTSTAH(MSE)A(MSE)SRSAHFISGIWGPYYSAILPEYWLNEGGQSATGALIDHIIQSHPCYPALLEQAKNKGETIYE
ALNYILRQ(MSE)AGEPENIAFLTNDIH(MSE)LPYFHGNRSPRANPNLTGIITGLKLSTTPED(MSE)ALRYLATIQAL
ALGTRHIIET(MSE)NQNGYNIDT(MSE)(MSE)ASGGGTKNPIFVQEHANATGCA(MSE)LLPEESEA(MSE)LLGSA
(MSE)(MSE)GTVAAGVFESLPEA(MSE)AA(MSE)SRIGKTVTPQTNKIKAYYDRKYRVFHQ(MSE)YHDH(MSE)RYQ
AL(MSE)QEGEGHHHHHH
;
_entity_poly.pdbx_strand_id   A,B
#
# COMPACT_ATOMS: atom_id res chain seq x y z
N LEU A 3 -11.63 -10.64 26.04
CA LEU A 3 -11.69 -9.40 25.24
C LEU A 3 -12.05 -9.72 23.79
N ALA A 4 -12.24 -8.71 22.96
CA ALA A 4 -12.75 -8.92 21.60
C ALA A 4 -11.73 -9.60 20.71
N SER A 5 -12.18 -10.60 19.95
CA SER A 5 -11.34 -11.33 19.00
C SER A 5 -11.60 -10.90 17.56
N TYR A 6 -10.55 -10.89 16.75
CA TYR A 6 -10.67 -10.52 15.33
C TYR A 6 -10.02 -11.56 14.43
N PHE A 7 -10.39 -11.54 13.15
CA PHE A 7 -9.87 -12.54 12.25
C PHE A 7 -9.53 -11.90 10.92
N ILE A 8 -8.46 -12.36 10.30
CA ILE A 8 -7.97 -11.73 9.09
C ILE A 8 -8.09 -12.63 7.87
N GLY A 9 -8.67 -12.10 6.80
CA GLY A 9 -8.70 -12.77 5.52
C GLY A 9 -7.80 -12.03 4.57
N VAL A 10 -6.95 -12.77 3.86
CA VAL A 10 -6.08 -12.22 2.83
C VAL A 10 -6.44 -12.83 1.48
N ASP A 11 -6.57 -11.98 0.47
CA ASP A 11 -6.98 -12.41 -0.85
C ASP A 11 -6.09 -11.77 -1.92
N VAL A 12 -5.32 -12.60 -2.61
CA VAL A 12 -4.45 -12.12 -3.67
C VAL A 12 -5.12 -12.39 -5.01
N GLY A 13 -5.64 -11.31 -5.61
CA GLY A 13 -6.35 -11.42 -6.87
C GLY A 13 -5.40 -11.34 -8.04
N THR A 14 -5.94 -10.96 -9.19
CA THR A 14 -5.14 -10.78 -10.39
C THR A 14 -4.30 -9.51 -10.28
N GLY A 15 -4.95 -8.41 -9.92
CA GLY A 15 -4.30 -7.12 -9.94
C GLY A 15 -3.83 -6.61 -8.59
N SER A 16 -4.34 -7.18 -7.51
CA SER A 16 -4.06 -6.62 -6.20
C SER A 16 -4.22 -7.62 -5.05
N ALA A 17 -3.43 -7.42 -4.00
CA ALA A 17 -3.59 -8.19 -2.78
C ALA A 17 -4.40 -7.36 -1.78
N ARG A 18 -5.41 -7.98 -1.19
CA ARG A 18 -6.28 -7.32 -0.24
C ARG A 18 -6.16 -8.01 1.12
N ALA A 19 -6.43 -7.26 2.17
CA ALA A 19 -6.54 -7.80 3.51
C ALA A 19 -7.76 -7.21 4.18
N GLY A 20 -8.44 -8.02 4.99
CA GLY A 20 -9.63 -7.58 5.68
C GLY A 20 -9.62 -8.07 7.11
N VAL A 21 -9.99 -7.20 8.04
CA VAL A 21 -10.09 -7.56 9.46
C VAL A 21 -11.56 -7.68 9.81
N PHE A 22 -11.94 -8.81 10.38
CA PHE A 22 -13.34 -9.06 10.68
C PHE A 22 -13.55 -9.35 12.15
N ASP A 23 -14.66 -8.86 12.69
CA ASP A 23 -15.08 -9.30 14.02
C ASP A 23 -15.84 -10.62 13.90
N LEU A 24 -16.22 -11.17 15.05
CA LEU A 24 -16.85 -12.48 15.14
C LEU A 24 -18.25 -12.54 14.49
N GLN A 25 -18.78 -11.37 14.15
CA GLN A 25 -20.06 -11.30 13.46
C GLN A 25 -19.86 -11.33 11.96
N GLY A 26 -18.63 -11.14 11.51
CA GLY A 26 -18.32 -11.13 10.09
C GLY A 26 -18.35 -9.73 9.49
N ARG A 27 -18.44 -8.72 10.36
CA ARG A 27 -18.39 -7.34 9.90
C ARG A 27 -16.94 -6.87 9.77
N VAL A 29 -13.91 -4.41 9.93
CA VAL A 29 -13.55 -3.26 10.75
C VAL A 29 -12.28 -2.59 10.25
N GLY A 30 -11.56 -3.29 9.38
CA GLY A 30 -10.37 -2.74 8.77
C GLY A 30 -10.10 -3.41 7.45
N GLN A 31 -9.62 -2.65 6.48
CA GLN A 31 -9.29 -3.21 5.18
C GLN A 31 -8.21 -2.40 4.47
N ALA A 32 -7.49 -3.07 3.58
CA ALA A 32 -6.46 -2.40 2.80
C ALA A 32 -6.20 -3.16 1.51
N SER A 33 -5.56 -2.49 0.56
CA SER A 33 -5.21 -3.09 -0.71
C SER A 33 -3.84 -2.62 -1.17
N ARG A 34 -3.14 -3.48 -1.90
CA ARG A 34 -1.84 -3.13 -2.47
C ARG A 34 -1.74 -3.77 -3.86
N GLU A 35 -1.43 -2.94 -4.86
CA GLU A 35 -1.35 -3.41 -6.24
C GLU A 35 -0.19 -4.41 -6.42
N ILE A 36 -0.36 -5.36 -7.31
CA ILE A 36 0.74 -6.28 -7.62
C ILE A 36 1.14 -6.23 -9.09
N THR A 37 2.44 -6.34 -9.33
CA THR A 37 2.99 -6.17 -10.68
C THR A 37 2.62 -7.32 -11.59
N PHE A 39 3.40 -8.92 -15.58
CA PHE A 39 4.32 -8.93 -16.71
C PHE A 39 3.71 -9.66 -17.91
N LYS A 40 3.72 -9.02 -19.07
CA LYS A 40 3.21 -9.66 -20.28
C LYS A 40 4.26 -9.68 -21.39
N PRO A 41 5.13 -10.69 -21.37
CA PRO A 41 6.26 -10.86 -22.30
C PRO A 41 5.80 -10.91 -23.75
N LYS A 42 4.62 -11.46 -23.99
CA LYS A 42 4.09 -11.65 -25.33
C LYS A 42 2.69 -12.20 -25.21
N ALA A 43 1.94 -12.16 -26.31
CA ALA A 43 0.57 -12.67 -26.29
C ALA A 43 0.49 -14.04 -25.61
N ASP A 44 -0.55 -14.24 -24.81
CA ASP A 44 -0.81 -15.52 -24.16
C ASP A 44 0.05 -15.76 -22.92
N PHE A 45 1.02 -14.87 -22.69
CA PHE A 45 1.90 -14.99 -21.53
C PHE A 45 1.57 -13.96 -20.47
N VAL A 46 1.28 -14.44 -19.27
CA VAL A 46 0.96 -13.56 -18.15
C VAL A 46 1.69 -14.03 -16.89
N GLU A 47 2.51 -13.14 -16.32
CA GLU A 47 3.36 -13.53 -15.20
C GLU A 47 3.33 -12.53 -14.05
N GLN A 48 3.79 -13.00 -12.89
CA GLN A 48 3.89 -12.18 -11.70
C GLN A 48 5.12 -12.59 -10.90
N SER A 49 5.29 -11.97 -9.73
CA SER A 49 6.46 -12.18 -8.89
C SER A 49 6.06 -12.52 -7.46
N SER A 50 6.50 -13.68 -6.98
CA SER A 50 6.13 -14.15 -5.64
C SER A 50 6.60 -13.17 -4.56
N GLU A 51 7.84 -12.72 -4.66
CA GLU A 51 8.38 -11.78 -3.69
C GLU A 51 7.54 -10.51 -3.67
N ASN A 52 7.22 -10.01 -4.86
CA ASN A 52 6.39 -8.83 -5.01
C ASN A 52 4.99 -9.04 -4.42
N ILE A 53 4.48 -10.25 -4.57
CA ILE A 53 3.16 -10.58 -4.04
C ILE A 53 3.20 -10.64 -2.51
N TRP A 54 4.21 -11.30 -1.96
CA TRP A 54 4.32 -11.42 -0.51
C TRP A 54 4.46 -10.07 0.20
N GLN A 55 5.20 -9.15 -0.39
CA GLN A 55 5.36 -7.82 0.21
C GLN A 55 4.04 -7.04 0.15
N ALA A 56 3.34 -7.17 -0.97
CA ALA A 56 2.03 -6.54 -1.09
C ALA A 56 1.08 -7.08 -0.03
N VAL A 57 1.14 -8.38 0.19
CA VAL A 57 0.35 -8.99 1.25
C VAL A 57 0.69 -8.43 2.64
N CYS A 58 1.97 -8.44 2.98
CA CYS A 58 2.41 -7.98 4.30
C CYS A 58 2.08 -6.51 4.53
N ASN A 59 2.29 -5.68 3.52
CA ASN A 59 1.96 -4.26 3.62
C ASN A 59 0.46 -4.05 3.78
N ALA A 60 -0.33 -4.78 2.99
CA ALA A 60 -1.78 -4.69 3.07
C ALA A 60 -2.32 -5.05 4.46
N VAL A 61 -1.75 -6.11 5.03
CA VAL A 61 -2.16 -6.57 6.35
C VAL A 61 -1.82 -5.56 7.46
N ARG A 62 -0.59 -5.08 7.48
CA ARG A 62 -0.19 -4.09 8.48
C ARG A 62 -1.14 -2.91 8.43
N ASP A 63 -1.51 -2.53 7.21
CA ASP A 63 -2.39 -1.39 6.96
C ASP A 63 -3.80 -1.64 7.49
N ALA A 64 -4.36 -2.82 7.19
CA ALA A 64 -5.72 -3.16 7.60
C ALA A 64 -5.83 -3.25 9.11
N VAL A 65 -4.80 -3.80 9.75
CA VAL A 65 -4.76 -3.88 11.21
C VAL A 65 -4.72 -2.47 11.82
N ASN A 66 -3.82 -1.64 11.32
CA ASN A 66 -3.71 -0.27 11.81
C ASN A 66 -5.00 0.54 11.64
N GLN A 67 -5.76 0.25 10.58
CA GLN A 67 -7.03 0.93 10.33
C GLN A 67 -8.17 0.42 11.22
N ALA A 68 -8.13 -0.87 11.56
CA ALA A 68 -9.08 -1.42 12.52
C ALA A 68 -8.84 -0.87 13.93
N ASP A 69 -7.61 -0.43 14.18
CA ASP A 69 -7.22 0.16 15.46
C ASP A 69 -7.31 -0.84 16.61
N ILE A 70 -6.74 -2.02 16.41
CA ILE A 70 -6.79 -3.05 17.42
C ILE A 70 -5.37 -3.53 17.74
N ASN A 71 -5.18 -4.10 18.91
CA ASN A 71 -3.90 -4.73 19.25
C ASN A 71 -3.75 -6.06 18.51
N PRO A 72 -2.58 -6.28 17.90
CA PRO A 72 -2.29 -7.54 17.20
C PRO A 72 -2.61 -8.77 18.07
N ILE A 73 -2.54 -8.63 19.39
CA ILE A 73 -2.83 -9.74 20.28
C ILE A 73 -4.30 -10.16 20.18
N GLN A 74 -5.08 -9.32 19.50
CA GLN A 74 -6.51 -9.48 19.36
C GLN A 74 -6.85 -10.39 18.16
N VAL A 75 -5.92 -10.46 17.21
CA VAL A 75 -6.10 -11.27 16.01
C VAL A 75 -5.82 -12.73 16.35
N LYS A 76 -6.85 -13.56 16.24
CA LYS A 76 -6.79 -14.96 16.66
C LYS A 76 -6.53 -15.91 15.51
N GLY A 77 -6.82 -15.46 14.29
CA GLY A 77 -6.68 -16.33 13.14
C GLY A 77 -6.57 -15.62 11.81
N LEU A 78 -5.92 -16.28 10.86
CA LEU A 78 -5.85 -15.79 9.50
C LEU A 78 -6.21 -16.89 8.52
N GLY A 79 -6.76 -16.49 7.38
CA GLY A 79 -6.90 -17.39 6.25
C GLY A 79 -6.33 -16.72 5.02
N PHE A 80 -5.75 -17.53 4.12
CA PHE A 80 -5.15 -17.01 2.90
C PHE A 80 -5.83 -17.63 1.67
N ASP A 81 -6.21 -16.78 0.72
CA ASP A 81 -6.74 -17.27 -0.54
C ASP A 81 -6.07 -16.53 -1.69
N ALA A 82 -5.93 -17.20 -2.83
CA ALA A 82 -5.25 -16.61 -3.99
C ALA A 82 -5.79 -17.18 -5.28
N THR A 83 -5.44 -16.54 -6.39
CA THR A 83 -5.75 -17.10 -7.70
C THR A 83 -5.03 -18.43 -7.85
N CYS A 84 -5.56 -19.29 -8.70
CA CYS A 84 -4.95 -20.59 -8.98
C CYS A 84 -3.72 -20.44 -9.88
N SER A 85 -2.78 -19.60 -9.47
CA SER A 85 -1.58 -19.35 -10.25
C SER A 85 -0.42 -20.23 -9.76
N LEU A 86 0.60 -20.39 -10.60
CA LEU A 86 1.70 -21.28 -10.30
C LEU A 86 2.95 -20.54 -9.85
N VAL A 87 3.38 -20.80 -8.63
CA VAL A 87 4.59 -20.18 -8.08
C VAL A 87 5.74 -21.19 -8.21
N VAL A 88 6.90 -20.72 -8.68
CA VAL A 88 8.05 -21.61 -8.86
C VAL A 88 9.27 -21.14 -8.09
N LEU A 89 9.78 -22.03 -7.23
CA LEU A 89 10.96 -21.73 -6.41
C LEU A 89 12.05 -22.81 -6.58
N ASP A 90 13.31 -22.40 -6.44
CA ASP A 90 14.43 -23.33 -6.61
C ASP A 90 14.74 -24.12 -5.34
N LYS A 91 15.80 -24.92 -5.39
CA LYS A 91 16.19 -25.80 -4.29
C LYS A 91 16.31 -25.08 -2.95
N GLU A 92 16.78 -23.83 -2.98
CA GLU A 92 16.91 -23.03 -1.75
C GLU A 92 15.62 -22.30 -1.38
N GLY A 93 14.66 -22.28 -2.30
CA GLY A 93 13.35 -21.73 -2.02
C GLY A 93 13.12 -20.31 -2.47
N ASN A 94 14.02 -19.80 -3.29
CA ASN A 94 13.86 -18.45 -3.83
C ASN A 94 13.26 -18.48 -5.24
N PRO A 95 12.66 -17.35 -5.66
CA PRO A 95 12.03 -17.22 -6.99
C PRO A 95 12.89 -17.77 -8.12
N LEU A 96 12.32 -18.66 -8.92
CA LEU A 96 13.02 -19.27 -10.05
C LEU A 96 12.26 -19.01 -11.35
N THR A 97 12.96 -18.46 -12.34
CA THR A 97 12.31 -17.93 -13.54
C THR A 97 11.42 -18.92 -14.29
N VAL A 98 10.35 -18.38 -14.83
CA VAL A 98 9.39 -19.15 -15.60
C VAL A 98 9.13 -18.39 -16.89
N SER A 99 9.94 -17.38 -17.14
CA SER A 99 9.66 -16.39 -18.17
C SER A 99 10.62 -16.45 -19.37
N PRO A 100 10.12 -16.07 -20.56
CA PRO A 100 10.94 -15.84 -21.74
C PRO A 100 11.93 -14.71 -21.45
N SER A 101 11.59 -13.83 -20.51
CA SER A 101 12.50 -12.78 -20.10
C SER A 101 13.72 -13.38 -19.40
N GLY A 102 13.55 -14.58 -18.85
CA GLY A 102 14.60 -15.25 -18.11
C GLY A 102 14.83 -14.65 -16.72
N ARG A 103 14.04 -13.64 -16.37
CA ARG A 103 14.17 -12.99 -15.06
C ARG A 103 13.56 -13.84 -13.96
N ASN A 104 14.36 -14.14 -12.94
CA ASN A 104 13.89 -14.96 -11.81
C ASN A 104 12.80 -14.26 -11.00
N GLU A 105 12.83 -12.93 -11.03
CA GLU A 105 11.74 -12.12 -10.47
C GLU A 105 10.39 -12.56 -11.03
N GLN A 106 10.38 -12.95 -12.31
CA GLN A 106 9.16 -13.43 -12.94
C GLN A 106 9.04 -14.95 -12.81
N ASN A 107 8.57 -15.39 -11.65
CA ASN A 107 8.52 -16.81 -11.30
C ASN A 107 7.11 -17.30 -11.08
N VAL A 108 6.13 -16.49 -11.48
CA VAL A 108 4.74 -16.89 -11.31
C VAL A 108 4.01 -16.90 -12.65
N ILE A 109 3.46 -18.05 -13.00
CA ILE A 109 2.54 -18.12 -14.13
C ILE A 109 1.12 -17.84 -13.65
N VAL A 110 0.59 -16.69 -14.05
CA VAL A 110 -0.76 -16.32 -13.66
C VAL A 110 -1.79 -17.29 -14.22
N TRP A 111 -2.90 -17.45 -13.51
CA TRP A 111 -3.95 -18.38 -13.89
C TRP A 111 -4.43 -18.21 -15.34
N ASP A 113 -2.96 -17.18 -17.90
CA ASP A 113 -1.94 -17.49 -18.89
C ASP A 113 -2.39 -18.64 -19.78
N HIS A 114 -2.14 -18.52 -21.08
CA HIS A 114 -2.58 -19.54 -22.04
C HIS A 114 -1.44 -20.15 -22.84
N ARG A 115 -0.22 -20.03 -22.33
CA ARG A 115 0.94 -20.54 -23.07
C ARG A 115 0.86 -22.03 -23.34
N ALA A 116 0.13 -22.75 -22.49
CA ALA A 116 0.11 -24.21 -22.55
C ALA A 116 -1.16 -24.80 -23.17
N ILE A 117 -1.71 -24.13 -24.18
CA ILE A 117 -2.86 -24.68 -24.90
C ILE A 117 -2.49 -26.02 -25.54
N THR A 118 -1.35 -26.04 -26.22
CA THR A 118 -0.95 -27.24 -26.96
C THR A 118 -0.78 -28.44 -26.03
N GLN A 119 -0.25 -28.21 -24.83
CA GLN A 119 -0.05 -29.28 -23.86
C GLN A 119 -1.40 -29.83 -23.37
N ALA A 120 -2.31 -28.92 -23.04
CA ALA A 120 -3.65 -29.30 -22.62
C ALA A 120 -4.29 -30.21 -23.67
N GLU A 121 -4.11 -29.86 -24.94
CA GLU A 121 -4.64 -30.67 -26.03
C GLU A 121 -4.01 -32.07 -25.99
N ARG A 122 -2.70 -32.13 -25.78
CA ARG A 122 -2.00 -33.41 -25.65
C ARG A 122 -2.53 -34.24 -24.48
N ILE A 123 -2.62 -33.63 -23.31
CA ILE A 123 -3.15 -34.32 -22.14
C ILE A 123 -4.55 -34.83 -22.44
N ASN A 124 -5.38 -33.98 -23.01
CA ASN A 124 -6.76 -34.35 -23.31
C ASN A 124 -6.85 -35.54 -24.25
N ALA A 125 -5.87 -35.64 -25.16
CA ALA A 125 -5.85 -36.72 -26.14
C ALA A 125 -5.69 -38.11 -25.49
N THR A 126 -5.13 -38.14 -24.27
CA THR A 126 -4.95 -39.39 -23.53
C THR A 126 -6.27 -39.94 -23.01
N LYS A 127 -7.23 -39.05 -22.79
CA LYS A 127 -8.50 -39.46 -22.21
C LYS A 127 -8.30 -40.21 -20.90
N HIS A 128 -7.20 -39.93 -20.20
CA HIS A 128 -6.91 -40.55 -18.92
C HIS A 128 -8.07 -40.34 -17.94
N PRO A 129 -8.27 -41.31 -17.02
CA PRO A 129 -9.32 -41.28 -16.01
C PRO A 129 -9.46 -39.99 -15.19
N VAL A 130 -8.38 -39.43 -14.68
CA VAL A 130 -8.50 -38.23 -13.85
C VAL A 130 -9.21 -37.07 -14.60
N LEU A 131 -9.35 -37.21 -15.92
CA LEU A 131 -9.92 -36.15 -16.75
C LEU A 131 -11.42 -35.94 -16.54
N GLU A 132 -12.15 -37.01 -16.20
CA GLU A 132 -13.58 -36.89 -15.96
C GLU A 132 -13.89 -35.90 -14.82
N PHE A 133 -12.90 -35.62 -13.99
CA PHE A 133 -13.13 -34.73 -12.86
C PHE A 133 -12.80 -33.28 -13.22
N VAL A 134 -12.44 -33.03 -14.48
CA VAL A 134 -12.37 -31.66 -14.99
C VAL A 134 -13.39 -31.45 -16.11
N GLY A 135 -14.48 -32.21 -16.05
CA GLY A 135 -15.54 -32.11 -17.04
C GLY A 135 -15.12 -32.65 -18.39
N GLY A 136 -14.06 -33.43 -18.40
CA GLY A 136 -13.64 -34.15 -19.61
C GLY A 136 -12.58 -33.44 -20.44
N VAL A 137 -12.40 -32.16 -20.18
CA VAL A 137 -11.46 -31.33 -20.94
C VAL A 137 -10.60 -30.50 -19.99
N ILE A 138 -9.30 -30.77 -19.95
CA ILE A 138 -8.40 -29.96 -19.15
C ILE A 138 -8.13 -28.62 -19.83
N SER A 139 -8.03 -27.56 -19.02
CA SER A 139 -7.79 -26.22 -19.55
C SER A 139 -6.32 -25.83 -19.46
N PRO A 140 -5.84 -25.03 -20.43
CA PRO A 140 -4.46 -24.54 -20.36
C PRO A 140 -4.25 -23.72 -19.10
N GLU A 141 -5.34 -23.16 -18.56
CA GLU A 141 -5.27 -22.33 -17.36
C GLU A 141 -4.90 -23.11 -16.10
N GLN A 143 -2.90 -26.21 -13.78
CA GLN A 143 -1.50 -26.35 -13.42
C GLN A 143 -0.69 -27.38 -14.19
N THR A 144 -1.23 -28.58 -14.38
CA THR A 144 -0.43 -29.65 -14.99
C THR A 144 -0.07 -29.38 -16.47
N PRO A 145 -0.99 -28.77 -17.24
CA PRO A 145 -0.56 -28.33 -18.58
C PRO A 145 0.59 -27.30 -18.54
N LYS A 146 0.63 -26.47 -17.50
CA LYS A 146 1.70 -25.47 -17.38
C LYS A 146 3.00 -26.10 -16.89
N LEU A 147 2.88 -27.18 -16.14
CA LEU A 147 4.06 -27.90 -15.68
C LEU A 147 4.66 -28.70 -16.85
N LEU A 148 3.77 -29.25 -17.68
CA LEU A 148 4.21 -29.93 -18.89
C LEU A 148 4.91 -28.92 -19.81
N TRP A 149 4.40 -27.70 -19.82
CA TRP A 149 4.98 -26.62 -20.63
C TRP A 149 6.37 -26.21 -20.12
N LEU A 150 6.50 -26.15 -18.80
CA LEU A 150 7.77 -25.76 -18.19
C LEU A 150 8.84 -26.80 -18.45
N LYS A 151 8.46 -28.06 -18.33
CA LYS A 151 9.38 -29.17 -18.53
C LYS A 151 9.99 -29.14 -19.93
N GLN A 152 9.16 -28.81 -20.91
CA GLN A 152 9.55 -28.90 -22.32
C GLN A 152 10.32 -27.68 -22.81
N HIS A 153 9.92 -26.49 -22.36
CA HIS A 153 10.53 -25.26 -22.85
C HIS A 153 11.68 -24.77 -21.99
N PRO A 155 13.87 -26.56 -19.48
CA PRO A 155 14.49 -27.70 -18.77
C PRO A 155 15.50 -27.19 -17.75
N ASN A 156 16.10 -26.05 -18.08
CA ASN A 156 17.02 -25.35 -17.20
C ASN A 156 16.37 -25.04 -15.85
N THR A 157 15.18 -24.45 -15.90
CA THR A 157 14.44 -24.14 -14.69
C THR A 157 13.96 -25.43 -14.04
N TRP A 158 13.53 -26.38 -14.87
CA TRP A 158 12.99 -27.65 -14.40
C TRP A 158 14.00 -28.43 -13.56
N SER A 159 15.28 -28.32 -13.93
CA SER A 159 16.34 -29.06 -13.25
C SER A 159 16.66 -28.45 -11.89
N ASN A 160 16.20 -27.22 -11.67
CA ASN A 160 16.56 -26.49 -10.47
C ASN A 160 15.40 -26.20 -9.51
N VAL A 161 14.29 -26.88 -9.73
CA VAL A 161 13.08 -26.66 -8.94
C VAL A 161 13.07 -27.45 -7.64
N GLY A 162 12.67 -26.78 -6.56
CA GLY A 162 12.51 -27.42 -5.26
C GLY A 162 11.05 -27.41 -4.84
N HIS A 163 10.36 -26.30 -5.08
CA HIS A 163 8.95 -26.20 -4.75
C HIS A 163 8.07 -25.74 -5.93
N LEU A 164 6.95 -26.44 -6.12
CA LEU A 164 5.93 -26.05 -7.06
C LEU A 164 4.65 -25.83 -6.28
N PHE A 165 4.27 -24.56 -6.11
CA PHE A 165 3.15 -24.21 -5.23
C PHE A 165 2.01 -23.60 -6.00
N ASP A 166 0.78 -24.06 -5.76
CA ASP A 166 -0.36 -23.25 -6.16
C ASP A 166 -0.23 -22.01 -5.28
N LEU A 167 -0.49 -20.83 -5.85
CA LEU A 167 -0.26 -19.56 -5.15
C LEU A 167 -0.78 -19.49 -3.70
N PRO A 168 -1.98 -20.02 -3.44
CA PRO A 168 -2.45 -19.93 -2.06
C PRO A 168 -1.59 -20.75 -1.12
N ASP A 169 -1.14 -21.91 -1.60
CA ASP A 169 -0.28 -22.78 -0.79
C ASP A 169 1.08 -22.13 -0.56
N PHE A 170 1.51 -21.31 -1.50
CA PHE A 170 2.72 -20.51 -1.33
C PHE A 170 2.55 -19.49 -0.20
N LEU A 171 1.45 -18.75 -0.23
CA LEU A 171 1.17 -17.75 0.79
C LEU A 171 1.21 -18.39 2.18
N THR A 172 0.55 -19.52 2.30
CA THR A 172 0.43 -20.25 3.55
C THR A 172 1.77 -20.80 4.05
N TRP A 173 2.59 -21.27 3.12
CA TRP A 173 3.91 -21.78 3.44
C TRP A 173 4.83 -20.66 3.93
N ARG A 174 4.81 -19.53 3.25
CA ARG A 174 5.65 -18.39 3.64
C ARG A 174 5.28 -17.85 5.02
N ALA A 175 4.09 -18.21 5.49
CA ALA A 175 3.57 -17.66 6.74
C ALA A 175 3.79 -18.58 7.93
N THR A 176 4.01 -19.86 7.65
CA THR A 176 4.08 -20.87 8.72
C THR A 176 5.26 -21.85 8.58
N LYS A 177 5.87 -21.91 7.40
CA LYS A 177 6.92 -22.89 7.08
C LYS A 177 6.35 -24.25 6.73
N ASP A 178 5.09 -24.48 7.06
CA ASP A 178 4.47 -25.76 6.75
C ASP A 178 4.34 -25.87 5.23
N GLU A 179 4.81 -27.00 4.69
CA GLU A 179 4.73 -27.29 3.26
C GLU A 179 3.45 -28.05 2.94
N THR A 180 2.58 -28.20 3.94
CA THR A 180 1.32 -28.90 3.76
C THR A 180 0.45 -28.20 2.72
N ARG A 181 -0.16 -28.99 1.85
CA ARG A 181 -0.96 -28.46 0.76
C ARG A 181 -2.45 -28.66 1.04
N SER A 182 -3.27 -27.85 0.39
CA SER A 182 -4.70 -27.88 0.61
C SER A 182 -5.41 -28.85 -0.33
N LEU A 183 -6.54 -29.38 0.11
CA LEU A 183 -7.39 -30.17 -0.77
C LEU A 183 -7.94 -29.33 -1.93
N CYS A 184 -8.24 -28.07 -1.67
CA CYS A 184 -8.82 -27.21 -2.70
C CYS A 184 -7.93 -27.09 -3.92
N SER A 185 -6.72 -26.55 -3.74
CA SER A 185 -5.84 -26.32 -4.86
C SER A 185 -5.37 -27.63 -5.52
N THR A 186 -4.98 -28.62 -4.73
CA THR A 186 -4.51 -29.89 -5.31
C THR A 186 -5.61 -30.62 -6.10
N VAL A 187 -6.80 -30.74 -5.51
CA VAL A 187 -7.89 -31.44 -6.19
C VAL A 187 -8.36 -30.74 -7.48
N CYS A 188 -8.58 -29.42 -7.40
CA CYS A 188 -9.13 -28.68 -8.54
C CYS A 188 -8.16 -28.52 -9.72
N LYS A 189 -6.89 -28.27 -9.43
CA LYS A 189 -5.95 -27.82 -10.47
C LYS A 189 -4.75 -28.73 -10.69
N TRP A 190 -4.64 -29.80 -9.92
CA TRP A 190 -3.47 -30.69 -10.01
C TRP A 190 -3.82 -32.17 -10.23
N THR A 191 -5.11 -32.46 -10.38
CA THR A 191 -5.60 -33.83 -10.58
C THR A 191 -5.46 -34.75 -9.37
N TYR A 192 -5.20 -34.17 -8.20
CA TYR A 192 -5.26 -34.94 -6.96
C TYR A 192 -6.66 -35.48 -6.84
N LEU A 193 -6.79 -36.74 -6.38
CA LEU A 193 -8.10 -37.35 -6.23
C LEU A 193 -8.61 -37.17 -4.81
N GLY A 194 -9.61 -36.30 -4.66
CA GLY A 194 -10.19 -36.01 -3.36
C GLY A 194 -10.93 -37.19 -2.77
N HIS A 195 -11.53 -38.01 -3.64
CA HIS A 195 -12.32 -39.15 -3.19
C HIS A 195 -11.46 -40.38 -2.90
N GLU A 196 -10.23 -40.39 -3.40
CA GLU A 196 -9.30 -41.50 -3.16
C GLU A 196 -8.11 -41.03 -2.32
N ASP A 197 -8.13 -39.75 -1.98
CA ASP A 197 -7.07 -39.08 -1.22
C ASP A 197 -5.65 -39.49 -1.66
N ARG A 198 -5.35 -39.27 -2.94
CA ARG A 198 -4.01 -39.54 -3.47
C ARG A 198 -3.84 -39.03 -4.89
N TRP A 199 -2.60 -38.75 -5.26
CA TRP A 199 -2.26 -38.45 -6.65
C TRP A 199 -2.40 -39.74 -7.44
N ASP A 200 -2.72 -39.62 -8.72
CA ASP A 200 -2.84 -40.81 -9.57
C ASP A 200 -1.52 -41.01 -10.32
N PRO A 201 -0.76 -42.04 -9.93
CA PRO A 201 0.53 -42.33 -10.57
C PRO A 201 0.42 -42.53 -12.09
N SER A 202 -0.63 -43.18 -12.55
CA SER A 202 -0.78 -43.45 -13.98
C SER A 202 -0.88 -42.15 -14.79
N TYR A 203 -1.30 -41.08 -14.14
CA TYR A 203 -1.51 -39.80 -14.83
C TYR A 203 -0.20 -39.03 -15.02
N VAL A 207 1.45 -38.72 -19.03
CA VAL A 207 1.48 -37.28 -19.28
C VAL A 207 2.90 -36.73 -19.36
N GLY A 208 3.84 -37.44 -18.71
CA GLY A 208 5.25 -37.09 -18.79
C GLY A 208 5.71 -36.20 -17.65
N LEU A 209 5.12 -36.41 -16.48
CA LEU A 209 5.49 -35.65 -15.28
C LEU A 209 5.70 -36.60 -14.10
N ALA A 210 6.23 -37.79 -14.39
CA ALA A 210 6.39 -38.80 -13.37
C ALA A 210 7.39 -38.38 -12.30
N ASP A 211 8.38 -37.59 -12.69
CA ASP A 211 9.42 -37.16 -11.76
C ASP A 211 8.92 -36.29 -10.61
N LEU A 212 7.80 -35.60 -10.83
CA LEU A 212 7.17 -34.80 -9.78
C LEU A 212 6.72 -35.67 -8.61
N LEU A 213 6.51 -36.95 -8.90
CA LEU A 213 6.03 -37.91 -7.91
C LEU A 213 7.20 -38.40 -7.05
N ASP A 214 8.41 -38.13 -7.52
CA ASP A 214 9.62 -38.55 -6.81
C ASP A 214 9.72 -38.03 -5.39
N ASN A 215 10.71 -38.54 -4.66
CA ASN A 215 10.88 -38.25 -3.23
C ASN A 215 9.57 -38.13 -2.47
N ASN A 216 8.61 -38.97 -2.85
CA ASN A 216 7.33 -39.05 -2.13
C ASN A 216 6.56 -37.73 -2.05
N ALA A 217 7.12 -36.76 -1.32
CA ALA A 217 6.42 -35.54 -0.98
C ALA A 217 7.31 -34.32 -1.17
N ALA A 218 7.89 -34.16 -2.35
CA ALA A 218 8.83 -33.06 -2.55
C ALA A 218 8.20 -31.86 -3.24
N LYS A 219 8.26 -31.85 -4.57
CA LYS A 219 8.00 -30.65 -5.36
C LYS A 219 6.55 -30.14 -5.33
N ILE A 220 5.61 -31.07 -5.33
CA ILE A 220 4.20 -30.71 -5.46
C ILE A 220 3.43 -30.92 -4.14
N GLY A 221 4.12 -31.48 -3.16
CA GLY A 221 3.54 -31.68 -1.83
C GLY A 221 2.80 -33.00 -1.72
N ALA A 222 3.02 -33.72 -0.63
CA ALA A 222 2.29 -34.96 -0.39
C ALA A 222 1.85 -35.13 1.05
N THR A 223 1.57 -34.00 1.70
CA THR A 223 0.69 -33.99 2.88
C THR A 223 -0.43 -33.04 2.53
N VAL A 224 -1.67 -33.52 2.55
CA VAL A 224 -2.79 -32.72 2.10
C VAL A 224 -3.92 -32.73 3.14
N LYS A 225 -4.38 -31.54 3.52
CA LYS A 225 -5.41 -31.41 4.55
C LYS A 225 -6.61 -30.57 4.11
N PRO A 226 -7.71 -30.62 4.87
CA PRO A 226 -8.90 -29.83 4.59
C PRO A 226 -8.79 -28.41 5.15
N GLY A 228 -9.48 -25.07 7.15
CA GLY A 228 -9.87 -24.84 8.52
C GLY A 228 -8.97 -25.56 9.52
N ALA A 229 -8.19 -26.53 9.04
CA ALA A 229 -7.19 -27.17 9.88
C ALA A 229 -6.00 -26.23 10.10
N PRO A 230 -5.49 -26.16 11.33
CA PRO A 230 -4.38 -25.27 11.68
C PRO A 230 -3.08 -25.74 11.02
N LEU A 231 -2.23 -24.81 10.61
CA LEU A 231 -0.99 -25.18 9.92
C LEU A 231 0.23 -24.93 10.80
N GLY A 232 1.22 -25.80 10.67
CA GLY A 232 2.41 -25.74 11.51
C GLY A 232 2.04 -25.44 12.96
N HIS A 233 2.64 -24.39 13.51
CA HIS A 233 2.24 -23.90 14.82
C HIS A 233 2.00 -22.40 14.75
N GLY A 234 1.07 -21.98 13.89
CA GLY A 234 0.75 -20.58 13.76
C GLY A 234 1.75 -19.82 12.92
N LEU A 235 1.64 -18.51 12.91
CA LEU A 235 2.56 -17.67 12.15
C LEU A 235 3.98 -17.88 12.68
N SER A 236 4.93 -18.00 11.75
CA SER A 236 6.33 -18.01 12.14
C SER A 236 6.67 -16.64 12.69
N GLN A 237 7.75 -16.56 13.47
CA GLN A 237 8.17 -15.30 14.07
C GLN A 237 8.49 -14.27 12.98
N ARG A 238 9.09 -14.74 11.89
CA ARG A 238 9.48 -13.87 10.77
C ARG A 238 8.26 -13.30 10.07
N ALA A 239 7.34 -14.17 9.64
CA ALA A 239 6.11 -13.74 8.98
C ALA A 239 5.32 -12.81 9.89
N ALA A 240 5.18 -13.20 11.16
CA ALA A 240 4.48 -12.38 12.14
C ALA A 240 5.10 -10.99 12.16
N SER A 241 6.42 -10.95 12.29
CA SER A 241 7.16 -9.70 12.27
C SER A 241 6.87 -8.93 10.98
N GLU A 242 6.89 -9.63 9.86
CA GLU A 242 6.68 -9.01 8.55
C GLU A 242 5.30 -8.36 8.40
N GLY A 244 3.31 -7.56 11.19
CA GLY A 244 2.99 -6.82 12.40
C GLY A 244 1.98 -7.56 13.25
N LEU A 245 2.13 -8.88 13.35
CA LEU A 245 1.22 -9.69 14.14
C LEU A 245 1.99 -10.55 15.12
N ILE A 246 1.26 -11.37 15.88
CA ILE A 246 1.86 -12.20 16.92
C ILE A 246 2.22 -13.60 16.43
N PRO A 247 3.45 -14.04 16.72
CA PRO A 247 3.83 -15.43 16.39
C PRO A 247 2.87 -16.43 17.03
N GLY A 248 2.54 -17.48 16.30
CA GLY A 248 1.69 -18.53 16.82
C GLY A 248 0.21 -18.34 16.50
N THR A 249 -0.13 -17.15 15.98
CA THR A 249 -1.49 -16.91 15.52
C THR A 249 -1.91 -17.99 14.52
N ALA A 250 -3.05 -18.62 14.79
CA ALA A 250 -3.54 -19.72 13.98
C ALA A 250 -3.62 -19.35 12.50
N VAL A 251 -3.20 -20.27 11.64
CA VAL A 251 -3.31 -20.08 10.20
C VAL A 251 -3.94 -21.29 9.55
N SER A 252 -5.03 -21.05 8.83
CA SER A 252 -5.71 -22.14 8.15
C SER A 252 -4.94 -22.68 6.96
N VAL A 253 -5.17 -23.95 6.63
CA VAL A 253 -4.84 -24.46 5.32
C VAL A 253 -5.36 -23.48 4.28
N SER A 254 -4.67 -23.35 3.15
CA SER A 254 -5.02 -22.36 2.14
C SER A 254 -6.27 -22.74 1.34
N ILE A 255 -6.77 -21.78 0.57
CA ILE A 255 -7.85 -22.06 -0.38
C ILE A 255 -7.75 -21.17 -1.63
N ILE A 256 -8.29 -21.65 -2.75
CA ILE A 256 -8.32 -20.83 -3.97
C ILE A 256 -9.36 -19.73 -3.80
N ASP A 257 -9.09 -18.57 -4.41
CA ASP A 257 -9.91 -17.38 -4.24
C ASP A 257 -11.41 -17.56 -4.51
N ALA A 258 -11.77 -18.04 -5.70
CA ALA A 258 -13.17 -18.22 -6.04
C ALA A 258 -13.85 -19.04 -4.95
N HIS A 259 -13.12 -20.05 -4.48
CA HIS A 259 -13.61 -20.96 -3.45
C HIS A 259 -13.76 -20.29 -2.06
N ALA A 260 -12.89 -19.35 -1.75
CA ALA A 260 -13.03 -18.56 -0.53
C ALA A 260 -14.33 -17.75 -0.56
N GLY A 261 -14.64 -17.19 -1.73
CA GLY A 261 -15.84 -16.38 -1.91
C GLY A 261 -17.09 -17.22 -1.71
N THR A 262 -17.01 -18.49 -2.09
CA THR A 262 -18.12 -19.40 -1.90
C THR A 262 -18.40 -19.64 -0.41
N ILE A 263 -17.36 -19.93 0.35
CA ILE A 263 -17.51 -20.07 1.79
C ILE A 263 -18.07 -18.78 2.38
N GLY A 264 -17.71 -17.66 1.78
CA GLY A 264 -18.08 -16.35 2.28
C GLY A 264 -19.55 -15.98 2.11
N ILE A 265 -20.21 -16.56 1.12
CA ILE A 265 -21.60 -16.18 0.82
C ILE A 265 -22.60 -17.31 0.73
N LEU A 266 -22.17 -18.46 0.22
CA LEU A 266 -23.10 -19.54 -0.11
C LEU A 266 -23.87 -20.04 1.10
N GLY A 267 -23.25 -19.94 2.27
CA GLY A 267 -23.85 -20.46 3.49
C GLY A 267 -24.82 -19.53 4.17
N ALA A 268 -24.91 -18.29 3.70
CA ALA A 268 -25.79 -17.31 4.32
C ALA A 268 -27.19 -17.90 4.48
N SER A 269 -27.76 -17.79 5.67
CA SER A 269 -29.13 -18.22 5.91
C SER A 269 -30.07 -17.30 5.15
N GLY A 270 -31.25 -17.81 4.80
CA GLY A 270 -32.22 -17.03 4.04
C GLY A 270 -33.12 -16.18 4.93
N VAL A 271 -33.83 -15.24 4.31
CA VAL A 271 -34.81 -14.37 4.98
C VAL A 271 -34.92 -13.05 4.23
N GLU A 274 -33.35 -20.78 8.39
CA GLU A 274 -33.66 -21.34 7.07
C GLU A 274 -32.40 -21.68 6.29
N ASN A 275 -31.96 -22.93 6.42
CA ASN A 275 -30.69 -23.36 5.85
C ASN A 275 -30.57 -23.06 4.36
N ALA A 276 -29.39 -22.59 3.96
CA ALA A 276 -29.05 -22.50 2.55
C ALA A 276 -29.32 -23.86 1.91
N ASN A 277 -29.91 -23.85 0.72
CA ASN A 277 -30.26 -25.08 0.01
C ASN A 277 -29.46 -25.18 -1.29
N PHE A 278 -28.45 -26.05 -1.29
CA PHE A 278 -27.50 -26.09 -2.39
C PHE A 278 -28.06 -26.62 -3.71
N ASP A 279 -29.19 -27.32 -3.65
CA ASP A 279 -29.82 -27.82 -4.85
C ASP A 279 -30.35 -26.69 -5.71
N ARG A 280 -30.64 -25.55 -5.08
CA ARG A 280 -31.31 -24.46 -5.76
C ARG A 280 -30.50 -23.16 -5.75
N ARG A 281 -29.32 -23.21 -5.16
CA ARG A 281 -28.49 -22.03 -4.98
C ARG A 281 -27.10 -22.21 -5.58
N ILE A 282 -26.78 -21.35 -6.53
CA ILE A 282 -25.44 -21.30 -7.07
C ILE A 282 -24.69 -20.09 -6.51
N ALA A 283 -23.39 -20.27 -6.26
CA ALA A 283 -22.53 -19.16 -5.91
C ALA A 283 -22.00 -18.48 -7.18
N LEU A 284 -22.24 -17.18 -7.31
CA LEU A 284 -21.73 -16.41 -8.43
C LEU A 284 -20.66 -15.47 -7.88
N ILE A 285 -19.42 -15.95 -7.88
CA ILE A 285 -18.30 -15.21 -7.29
C ILE A 285 -17.63 -14.32 -8.32
N GLY A 286 -17.96 -13.04 -8.28
CA GLY A 286 -17.51 -12.12 -9.30
C GLY A 286 -16.24 -11.36 -8.96
N GLY A 287 -15.83 -10.52 -9.90
CA GLY A 287 -14.55 -9.82 -9.86
C GLY A 287 -14.05 -9.68 -11.29
N THR A 288 -12.72 -9.68 -11.45
CA THR A 288 -12.07 -9.77 -12.76
C THR A 288 -12.70 -10.86 -13.64
N SER A 289 -12.94 -12.00 -13.01
CA SER A 289 -13.59 -13.13 -13.65
C SER A 289 -14.66 -13.59 -12.68
N THR A 290 -15.42 -14.61 -13.08
CA THR A 290 -16.50 -15.11 -12.25
C THR A 290 -16.49 -16.64 -12.16
N ALA A 291 -16.73 -17.16 -10.96
CA ALA A 291 -16.87 -18.60 -10.74
C ALA A 291 -18.32 -18.93 -10.46
N HIS A 292 -18.77 -20.07 -10.94
CA HIS A 292 -20.14 -20.47 -10.79
C HIS A 292 -20.11 -21.77 -10.01
N ALA A 294 -21.57 -24.72 -7.50
CA ALA A 294 -22.69 -25.48 -6.99
C ALA A 294 -22.16 -26.73 -6.31
N SER A 296 -23.23 -30.59 -4.26
CA SER A 296 -24.20 -31.66 -4.13
C SER A 296 -23.58 -32.78 -3.29
N ARG A 297 -24.43 -33.56 -2.64
CA ARG A 297 -23.95 -34.71 -1.89
C ARG A 297 -23.58 -35.84 -2.87
N SER A 298 -24.10 -35.74 -4.09
CA SER A 298 -23.88 -36.77 -5.11
C SER A 298 -22.93 -36.28 -6.20
N ALA A 299 -22.27 -37.22 -6.87
CA ALA A 299 -21.37 -36.84 -7.94
C ALA A 299 -22.17 -36.60 -9.20
N HIS A 300 -21.86 -35.50 -9.87
CA HIS A 300 -22.45 -35.21 -11.17
C HIS A 300 -21.35 -34.86 -12.16
N PHE A 301 -21.20 -35.67 -13.19
CA PHE A 301 -20.24 -35.39 -14.23
C PHE A 301 -20.93 -34.55 -15.28
N ILE A 302 -20.30 -33.43 -15.61
CA ILE A 302 -20.90 -32.42 -16.48
C ILE A 302 -19.87 -31.96 -17.50
N SER A 303 -20.14 -32.21 -18.78
CA SER A 303 -19.22 -31.80 -19.83
C SER A 303 -19.04 -30.28 -19.84
N GLY A 304 -17.79 -29.83 -19.82
CA GLY A 304 -17.48 -28.42 -19.87
C GLY A 304 -17.57 -27.67 -18.56
N ILE A 305 -17.72 -28.43 -17.47
CA ILE A 305 -17.71 -27.87 -16.13
C ILE A 305 -16.74 -28.67 -15.26
N TRP A 306 -15.81 -27.96 -14.62
CA TRP A 306 -14.81 -28.61 -13.77
C TRP A 306 -15.48 -29.36 -12.62
N GLY A 307 -14.76 -30.29 -12.02
CA GLY A 307 -15.36 -31.21 -11.08
C GLY A 307 -15.93 -32.39 -11.84
N PRO A 308 -16.70 -33.24 -11.16
CA PRO A 308 -17.06 -33.08 -9.74
C PRO A 308 -15.84 -33.27 -8.87
N TYR A 309 -15.60 -32.31 -7.96
CA TYR A 309 -14.45 -32.33 -7.08
C TYR A 309 -14.88 -32.68 -5.67
N TYR A 310 -14.55 -33.87 -5.19
CA TYR A 310 -14.88 -34.26 -3.82
C TYR A 310 -14.05 -33.50 -2.75
N SER A 311 -14.73 -33.01 -1.72
CA SER A 311 -14.11 -32.33 -0.58
C SER A 311 -13.17 -31.16 -0.92
N ALA A 312 -13.40 -30.49 -2.05
CA ALA A 312 -12.54 -29.39 -2.46
C ALA A 312 -12.83 -28.08 -1.71
N ILE A 313 -14.06 -27.92 -1.21
CA ILE A 313 -14.42 -26.76 -0.40
C ILE A 313 -14.99 -27.21 0.94
N LEU A 314 -16.07 -27.97 0.86
CA LEU A 314 -16.78 -28.44 2.03
C LEU A 314 -16.61 -29.96 2.15
N PRO A 315 -16.28 -30.45 3.36
CA PRO A 315 -16.21 -31.88 3.61
C PRO A 315 -17.50 -32.62 3.21
N GLU A 316 -17.34 -33.71 2.46
CA GLU A 316 -18.45 -34.56 2.03
C GLU A 316 -19.37 -33.98 0.96
N TYR A 317 -18.92 -32.89 0.33
CA TYR A 317 -19.66 -32.31 -0.80
C TYR A 317 -18.86 -32.41 -2.09
N TRP A 318 -19.52 -32.81 -3.17
CA TRP A 318 -18.93 -32.73 -4.49
C TRP A 318 -19.14 -31.32 -5.03
N LEU A 319 -18.07 -30.69 -5.50
CA LEU A 319 -18.18 -29.37 -6.08
C LEU A 319 -18.17 -29.44 -7.61
N ASN A 320 -19.17 -28.84 -8.22
CA ASN A 320 -19.13 -28.57 -9.64
C ASN A 320 -18.81 -27.10 -9.83
N GLU A 321 -17.71 -26.83 -10.53
CA GLU A 321 -17.25 -25.46 -10.71
C GLU A 321 -17.17 -25.07 -12.18
N GLY A 322 -17.99 -24.11 -12.57
CA GLY A 322 -17.89 -23.50 -13.88
C GLY A 322 -17.29 -22.11 -13.74
N GLY A 323 -17.11 -21.41 -14.85
CA GLY A 323 -16.61 -20.05 -14.74
C GLY A 323 -16.65 -19.30 -16.04
N GLN A 324 -16.44 -18.00 -15.94
CA GLN A 324 -16.24 -17.15 -17.11
C GLN A 324 -14.94 -16.41 -16.86
N SER A 325 -14.00 -16.52 -17.79
CA SER A 325 -12.65 -16.02 -17.55
C SER A 325 -12.55 -14.51 -17.53
N ALA A 326 -13.46 -13.83 -18.22
CA ALA A 326 -13.44 -12.36 -18.25
C ALA A 326 -14.83 -11.78 -18.07
N THR A 327 -15.09 -11.24 -16.88
CA THR A 327 -16.39 -10.67 -16.60
C THR A 327 -16.24 -9.20 -16.27
N GLY A 328 -15.77 -8.89 -15.06
CA GLY A 328 -15.46 -7.51 -14.72
C GLY A 328 -14.35 -7.00 -15.62
N ALA A 329 -13.43 -7.89 -15.96
CA ALA A 329 -12.34 -7.53 -16.87
C ALA A 329 -12.85 -7.15 -18.26
N LEU A 330 -13.93 -7.79 -18.71
CA LEU A 330 -14.47 -7.51 -20.04
C LEU A 330 -15.24 -6.18 -20.02
N ILE A 331 -16.06 -6.00 -18.99
CA ILE A 331 -16.83 -4.77 -18.84
C ILE A 331 -15.90 -3.56 -18.80
N ASP A 332 -14.81 -3.69 -18.05
CA ASP A 332 -13.88 -2.59 -17.88
C ASP A 332 -13.08 -2.33 -19.15
N HIS A 333 -12.80 -3.40 -19.88
CA HIS A 333 -12.13 -3.30 -21.17
C HIS A 333 -13.04 -2.57 -22.17
N ILE A 334 -14.31 -2.94 -22.21
CA ILE A 334 -15.26 -2.30 -23.12
C ILE A 334 -15.45 -0.81 -22.74
N ILE A 335 -15.55 -0.54 -21.45
CA ILE A 335 -15.73 0.82 -20.98
C ILE A 335 -14.51 1.69 -21.28
N GLN A 336 -13.34 1.22 -20.85
CA GLN A 336 -12.13 2.03 -20.88
C GLN A 336 -11.49 2.07 -22.26
N SER A 337 -11.91 1.16 -23.14
CA SER A 337 -11.47 1.17 -24.54
C SER A 337 -12.13 2.27 -25.36
N HIS A 338 -13.24 2.81 -24.87
CA HIS A 338 -14.03 3.74 -25.68
C HIS A 338 -13.50 5.19 -25.59
N PRO A 339 -13.39 5.85 -26.75
CA PRO A 339 -12.91 7.22 -26.87
C PRO A 339 -13.62 8.21 -25.95
N CYS A 340 -14.89 7.98 -25.63
CA CYS A 340 -15.64 8.92 -24.80
C CYS A 340 -15.41 8.73 -23.30
N TYR A 341 -14.64 7.72 -22.94
CA TYR A 341 -14.41 7.36 -21.55
C TYR A 341 -13.85 8.52 -20.70
N PRO A 342 -12.71 9.11 -21.09
CA PRO A 342 -12.12 10.15 -20.23
C PRO A 342 -13.06 11.32 -19.94
N ALA A 343 -13.78 11.79 -20.97
CA ALA A 343 -14.72 12.90 -20.80
C ALA A 343 -15.88 12.53 -19.88
N LEU A 344 -16.46 11.35 -20.09
CA LEU A 344 -17.57 10.92 -19.25
C LEU A 344 -17.14 10.75 -17.79
N LEU A 345 -15.96 10.18 -17.59
CA LEU A 345 -15.41 10.01 -16.26
C LEU A 345 -15.30 11.36 -15.55
N GLU A 346 -14.81 12.36 -16.28
CA GLU A 346 -14.70 13.70 -15.71
C GLU A 346 -16.06 14.24 -15.24
N GLN A 347 -17.11 14.09 -16.05
CA GLN A 347 -18.43 14.55 -15.58
C GLN A 347 -18.99 13.67 -14.46
N ALA A 348 -18.63 12.40 -14.46
CA ALA A 348 -19.05 11.51 -13.38
C ALA A 348 -18.57 12.04 -12.04
N LYS A 349 -17.28 12.34 -11.95
CA LYS A 349 -16.71 12.90 -10.74
C LYS A 349 -17.40 14.20 -10.32
N ASN A 350 -17.61 15.08 -11.30
CA ASN A 350 -18.28 16.36 -11.04
C ASN A 350 -19.66 16.18 -10.42
N LYS A 351 -20.31 15.05 -10.71
CA LYS A 351 -21.62 14.76 -10.12
C LYS A 351 -21.52 13.82 -8.92
N GLY A 352 -20.30 13.46 -8.54
CA GLY A 352 -20.08 12.54 -7.44
C GLY A 352 -20.51 11.12 -7.77
N GLU A 353 -20.22 10.68 -9.00
CA GLU A 353 -20.66 9.39 -9.51
C GLU A 353 -19.49 8.52 -9.95
N THR A 354 -19.70 7.20 -9.94
CA THR A 354 -18.80 6.29 -10.62
C THR A 354 -19.13 6.26 -12.12
N ILE A 355 -18.21 5.76 -12.93
CA ILE A 355 -18.44 5.69 -14.38
C ILE A 355 -19.64 4.82 -14.70
N TYR A 356 -19.85 3.78 -13.90
CA TYR A 356 -20.99 2.89 -14.07
C TYR A 356 -22.30 3.63 -13.84
N GLU A 357 -22.34 4.46 -12.79
CA GLU A 357 -23.51 5.27 -12.54
C GLU A 357 -23.78 6.27 -13.68
N ALA A 358 -22.71 6.85 -14.22
CA ALA A 358 -22.84 7.77 -15.34
C ALA A 358 -23.41 7.06 -16.56
N LEU A 359 -22.92 5.84 -16.83
CA LEU A 359 -23.41 5.03 -17.96
C LEU A 359 -24.84 4.57 -17.71
N ASN A 360 -25.14 4.20 -16.47
CA ASN A 360 -26.50 3.77 -16.14
C ASN A 360 -27.50 4.91 -16.35
N TYR A 361 -27.08 6.13 -16.00
CA TYR A 361 -27.90 7.31 -16.25
C TYR A 361 -28.21 7.49 -17.74
N ILE A 362 -27.19 7.36 -18.58
CA ILE A 362 -27.39 7.48 -20.03
C ILE A 362 -28.40 6.45 -20.54
N LEU A 363 -28.26 5.21 -20.06
CA LEU A 363 -29.17 4.14 -20.44
C LEU A 363 -30.60 4.54 -20.07
N ARG A 364 -30.79 4.97 -18.84
CA ARG A 364 -32.11 5.36 -18.36
C ARG A 364 -32.71 6.46 -19.24
N GLN A 365 -31.91 7.47 -19.57
CA GLN A 365 -32.39 8.56 -20.42
C GLN A 365 -32.75 8.05 -21.81
N ALA A 367 -33.69 5.17 -22.70
CA ALA A 367 -34.77 4.18 -22.67
C ALA A 367 -36.14 4.80 -22.43
N GLY A 368 -36.16 6.04 -21.94
CA GLY A 368 -37.42 6.69 -21.64
C GLY A 368 -38.04 6.19 -20.34
N GLU A 369 -37.91 4.90 -20.08
CA GLU A 369 -38.40 4.29 -18.85
C GLU A 369 -37.40 3.21 -18.43
N PRO A 370 -37.22 3.01 -17.12
CA PRO A 370 -36.27 2.00 -16.64
C PRO A 370 -36.57 0.61 -17.18
N GLU A 371 -37.84 0.24 -17.29
CA GLU A 371 -38.20 -1.09 -17.78
C GLU A 371 -37.96 -1.28 -19.28
N ASN A 372 -37.50 -0.23 -19.95
CA ASN A 372 -37.23 -0.32 -21.38
C ASN A 372 -35.74 -0.43 -21.66
N ILE A 373 -34.93 -0.43 -20.61
CA ILE A 373 -33.48 -0.39 -20.78
C ILE A 373 -32.95 -1.61 -21.53
N ALA A 374 -33.49 -2.78 -21.23
CA ALA A 374 -32.94 -4.01 -21.81
C ALA A 374 -33.11 -4.03 -23.34
N PHE A 375 -34.21 -3.47 -23.83
CA PHE A 375 -34.50 -3.46 -25.26
C PHE A 375 -33.57 -2.59 -26.11
N LEU A 376 -32.80 -1.71 -25.46
CA LEU A 376 -31.86 -0.82 -26.15
C LEU A 376 -30.91 -1.55 -27.08
N THR A 377 -30.61 -2.81 -26.75
CA THR A 377 -29.67 -3.59 -27.55
C THR A 377 -30.36 -4.59 -28.49
N ASN A 378 -31.55 -4.24 -28.97
CA ASN A 378 -32.31 -5.13 -29.84
C ASN A 378 -31.52 -5.54 -31.09
N ASP A 379 -30.63 -4.66 -31.54
CA ASP A 379 -29.86 -4.86 -32.76
C ASP A 379 -28.36 -4.91 -32.51
N ILE A 380 -27.97 -5.00 -31.24
CA ILE A 380 -26.56 -5.05 -30.87
C ILE A 380 -26.30 -6.27 -30.00
N HIS A 381 -25.47 -7.20 -30.48
CA HIS A 381 -25.24 -8.44 -29.76
C HIS A 381 -23.75 -8.68 -29.56
N LEU A 383 -20.88 -11.83 -28.46
CA LEU A 383 -20.41 -13.12 -27.97
C LEU A 383 -19.20 -12.83 -27.08
N PRO A 384 -19.29 -13.13 -25.77
CA PRO A 384 -18.32 -12.57 -24.82
C PRO A 384 -17.04 -13.39 -24.60
N TYR A 385 -16.73 -14.30 -25.53
CA TYR A 385 -15.64 -15.24 -25.37
C TYR A 385 -14.26 -14.64 -25.68
N PHE A 386 -14.03 -13.41 -25.20
CA PHE A 386 -12.81 -12.66 -25.52
C PHE A 386 -11.51 -13.38 -25.08
N HIS A 387 -11.59 -14.16 -24.00
CA HIS A 387 -10.43 -14.93 -23.53
C HIS A 387 -10.75 -16.42 -23.64
N GLY A 388 -11.46 -16.80 -24.69
CA GLY A 388 -12.00 -18.14 -24.81
C GLY A 388 -13.27 -18.34 -24.00
N ASN A 389 -13.75 -19.58 -23.96
CA ASN A 389 -14.83 -19.94 -23.04
C ASN A 389 -14.40 -21.07 -22.13
N ARG A 390 -14.67 -20.91 -20.85
CA ARG A 390 -14.34 -21.93 -19.89
C ARG A 390 -15.50 -22.90 -19.79
N SER A 391 -16.67 -22.38 -19.42
CA SER A 391 -17.85 -23.20 -19.21
C SER A 391 -19.00 -22.62 -20.02
N PRO A 392 -19.79 -23.49 -20.66
CA PRO A 392 -19.65 -24.95 -20.67
C PRO A 392 -18.98 -25.50 -21.93
N ARG A 393 -18.39 -24.65 -22.76
CA ARG A 393 -17.88 -25.09 -24.06
C ARG A 393 -16.45 -25.59 -23.96
N ALA A 394 -15.76 -25.20 -22.88
CA ALA A 394 -14.41 -25.65 -22.61
C ALA A 394 -13.50 -25.52 -23.83
N ASN A 395 -13.43 -24.33 -24.40
CA ASN A 395 -12.61 -24.10 -25.58
C ASN A 395 -11.90 -22.76 -25.49
N PRO A 396 -10.60 -22.78 -25.15
CA PRO A 396 -9.81 -21.57 -24.93
C PRO A 396 -9.44 -20.83 -26.23
N ASN A 397 -9.80 -21.40 -27.38
CA ASN A 397 -9.52 -20.77 -28.66
C ASN A 397 -10.65 -19.87 -29.17
N LEU A 398 -11.80 -19.93 -28.52
CA LEU A 398 -12.93 -19.08 -28.94
C LEU A 398 -12.58 -17.60 -28.73
N THR A 399 -13.25 -16.74 -29.49
CA THR A 399 -12.99 -15.30 -29.39
C THR A 399 -14.31 -14.52 -29.43
N GLY A 400 -14.23 -13.22 -29.21
CA GLY A 400 -15.43 -12.39 -29.12
C GLY A 400 -15.96 -11.95 -30.47
N ILE A 401 -17.26 -11.64 -30.51
CA ILE A 401 -17.89 -11.01 -31.65
C ILE A 401 -18.77 -9.88 -31.14
N ILE A 402 -18.73 -8.73 -31.82
CA ILE A 402 -19.75 -7.69 -31.59
C ILE A 402 -20.44 -7.36 -32.91
N THR A 403 -21.76 -7.15 -32.86
CA THR A 403 -22.53 -6.77 -34.03
C THR A 403 -23.23 -5.45 -33.81
N GLY A 404 -23.74 -4.87 -34.91
CA GLY A 404 -24.46 -3.63 -34.87
C GLY A 404 -23.55 -2.42 -34.73
N LEU A 405 -22.31 -2.53 -35.19
CA LEU A 405 -21.36 -1.43 -35.11
C LEU A 405 -21.67 -0.32 -36.12
N LYS A 406 -21.41 0.92 -35.70
CA LYS A 406 -21.64 2.13 -36.51
C LYS A 406 -20.44 3.04 -36.39
N LEU A 407 -20.32 4.03 -37.28
CA LEU A 407 -19.22 4.99 -37.20
C LEU A 407 -19.30 5.89 -35.97
N SER A 408 -20.49 6.00 -35.40
CA SER A 408 -20.73 6.93 -34.30
C SER A 408 -19.81 6.65 -33.10
N THR A 409 -19.27 7.73 -32.52
CA THR A 409 -18.49 7.63 -31.30
C THR A 409 -19.05 8.63 -30.30
N THR A 410 -20.07 8.21 -29.57
CA THR A 410 -20.72 9.09 -28.60
C THR A 410 -20.89 8.35 -27.28
N PRO A 411 -21.18 9.11 -26.20
CA PRO A 411 -21.43 8.46 -24.90
C PRO A 411 -22.58 7.46 -25.00
N GLU A 412 -23.55 7.74 -25.87
CA GLU A 412 -24.65 6.79 -26.11
C GLU A 412 -24.17 5.47 -26.74
N ASP A 413 -23.25 5.54 -27.70
CA ASP A 413 -22.68 4.31 -28.25
C ASP A 413 -21.93 3.52 -27.19
N ALA A 415 -22.41 3.58 -24.04
CA ALA A 415 -23.37 3.02 -23.08
C ALA A 415 -24.07 1.78 -23.63
N LEU A 416 -24.42 1.81 -24.91
CA LEU A 416 -25.07 0.64 -25.52
C LEU A 416 -24.16 -0.59 -25.51
N ARG A 417 -22.90 -0.38 -25.82
CA ARG A 417 -21.94 -1.48 -25.89
C ARG A 417 -21.62 -2.04 -24.50
N TYR A 418 -21.60 -1.15 -23.52
CA TYR A 418 -21.52 -1.55 -22.11
C TYR A 418 -22.70 -2.42 -21.70
N LEU A 419 -23.92 -1.97 -21.99
CA LEU A 419 -25.11 -2.80 -21.73
C LEU A 419 -25.06 -4.16 -22.44
N ALA A 420 -24.69 -4.15 -23.72
CA ALA A 420 -24.60 -5.39 -24.50
C ALA A 420 -23.63 -6.36 -23.85
N THR A 421 -22.55 -5.82 -23.29
CA THR A 421 -21.57 -6.62 -22.58
C THR A 421 -22.16 -7.28 -21.34
N ILE A 422 -22.85 -6.49 -20.53
CA ILE A 422 -23.53 -6.98 -19.34
C ILE A 422 -24.48 -8.13 -19.68
N GLN A 423 -25.29 -7.92 -20.71
CA GLN A 423 -26.29 -8.92 -21.08
C GLN A 423 -25.64 -10.20 -21.63
N ALA A 424 -24.59 -10.05 -22.44
CA ALA A 424 -23.84 -11.18 -22.93
C ALA A 424 -23.28 -12.05 -21.79
N LEU A 425 -22.71 -11.41 -20.78
CA LEU A 425 -22.22 -12.12 -19.60
C LEU A 425 -23.34 -12.83 -18.84
N ALA A 426 -24.48 -12.16 -18.72
CA ALA A 426 -25.67 -12.74 -18.10
C ALA A 426 -26.17 -13.95 -18.88
N LEU A 427 -26.14 -13.86 -20.21
CA LEU A 427 -26.57 -14.98 -21.05
C LEU A 427 -25.57 -16.15 -20.96
N GLY A 428 -24.28 -15.85 -20.89
CA GLY A 428 -23.29 -16.89 -20.62
C GLY A 428 -23.53 -17.57 -19.27
N THR A 429 -23.96 -16.79 -18.29
CA THR A 429 -24.32 -17.34 -16.98
C THR A 429 -25.53 -18.24 -17.07
N ARG A 430 -26.53 -17.82 -17.85
CA ARG A 430 -27.71 -18.64 -18.09
C ARG A 430 -27.34 -20.00 -18.70
N HIS A 431 -26.40 -19.99 -19.64
CA HIS A 431 -25.95 -21.22 -20.34
C HIS A 431 -25.37 -22.17 -19.29
N ILE A 432 -24.52 -21.64 -18.42
CA ILE A 432 -23.93 -22.43 -17.35
C ILE A 432 -24.98 -23.01 -16.41
N ILE A 433 -25.90 -22.16 -15.95
CA ILE A 433 -26.98 -22.60 -15.06
C ILE A 433 -27.89 -23.65 -15.69
N GLU A 434 -28.26 -23.46 -16.95
CA GLU A 434 -29.06 -24.45 -17.66
C GLU A 434 -28.34 -25.79 -17.76
N THR A 435 -27.03 -25.74 -17.92
CA THR A 435 -26.20 -26.94 -18.01
C THR A 435 -26.21 -27.69 -16.68
N ASN A 437 -28.62 -27.51 -14.40
CA ASN A 437 -29.97 -28.02 -14.24
C ASN A 437 -30.27 -29.21 -15.14
N GLN A 438 -29.40 -29.45 -16.11
CA GLN A 438 -29.52 -30.63 -16.97
C GLN A 438 -28.75 -31.79 -16.36
N ASN A 439 -27.97 -31.49 -15.32
CA ASN A 439 -27.08 -32.47 -14.72
C ASN A 439 -27.17 -32.57 -13.19
N GLY A 440 -28.39 -32.60 -12.66
CA GLY A 440 -28.58 -32.91 -11.26
C GLY A 440 -29.00 -31.78 -10.33
N TYR A 441 -29.12 -30.57 -10.87
CA TYR A 441 -29.47 -29.43 -10.04
C TYR A 441 -30.84 -28.85 -10.39
N ASN A 442 -31.34 -27.98 -9.52
CA ASN A 442 -32.58 -27.24 -9.73
C ASN A 442 -32.37 -25.78 -9.33
N ILE A 443 -31.32 -25.18 -9.86
CA ILE A 443 -30.94 -23.82 -9.52
C ILE A 443 -32.01 -22.81 -9.92
N ASP A 444 -32.45 -22.01 -8.96
CA ASP A 444 -33.33 -20.88 -9.25
C ASP A 444 -32.88 -19.60 -8.54
N THR A 445 -31.70 -19.66 -7.93
CA THR A 445 -31.17 -18.54 -7.16
C THR A 445 -29.66 -18.46 -7.25
N ALA A 448 -24.57 -13.82 -5.14
CA ALA A 448 -23.57 -13.11 -5.92
C ALA A 448 -22.66 -12.20 -5.09
N SER A 449 -21.37 -12.20 -5.42
CA SER A 449 -20.40 -11.34 -4.77
C SER A 449 -19.54 -10.64 -5.84
N GLY A 450 -18.75 -9.66 -5.43
CA GLY A 450 -17.91 -8.93 -6.37
C GLY A 450 -18.44 -7.53 -6.63
N GLY A 451 -17.62 -6.69 -7.25
CA GLY A 451 -17.93 -5.27 -7.45
C GLY A 451 -19.13 -5.04 -8.35
N GLY A 452 -19.39 -5.99 -9.24
CA GLY A 452 -20.53 -5.94 -10.14
C GLY A 452 -21.83 -5.81 -9.36
N THR A 453 -21.84 -6.36 -8.15
CA THR A 453 -23.05 -6.37 -7.35
C THR A 453 -23.42 -5.00 -6.80
N LYS A 454 -22.55 -4.02 -7.02
CA LYS A 454 -22.83 -2.64 -6.62
C LYS A 454 -23.39 -1.83 -7.78
N ASN A 455 -23.52 -2.48 -8.92
CA ASN A 455 -24.05 -1.89 -10.15
C ASN A 455 -25.48 -2.42 -10.37
N PRO A 456 -26.48 -1.56 -10.16
CA PRO A 456 -27.88 -2.00 -10.19
C PRO A 456 -28.29 -2.65 -11.51
N ILE A 457 -27.74 -2.17 -12.61
CA ILE A 457 -28.10 -2.70 -13.92
C ILE A 457 -27.45 -4.09 -14.16
N PHE A 458 -26.19 -4.24 -13.78
CA PHE A 458 -25.52 -5.55 -13.77
C PHE A 458 -26.40 -6.58 -13.08
N VAL A 459 -26.83 -6.26 -11.86
CA VAL A 459 -27.60 -7.20 -11.05
C VAL A 459 -28.97 -7.55 -11.62
N GLN A 460 -29.73 -6.53 -11.99
CA GLN A 460 -31.08 -6.74 -12.50
C GLN A 460 -31.12 -7.51 -13.81
N GLU A 461 -30.17 -7.25 -14.72
CA GLU A 461 -30.19 -7.94 -16.01
C GLU A 461 -29.71 -9.39 -15.89
N HIS A 462 -28.86 -9.66 -14.90
CA HIS A 462 -28.47 -11.04 -14.61
C HIS A 462 -29.70 -11.83 -14.14
N ALA A 463 -30.48 -11.22 -13.27
CA ALA A 463 -31.73 -11.83 -12.82
C ALA A 463 -32.69 -12.04 -13.99
N ASN A 464 -32.82 -11.02 -14.83
CA ASN A 464 -33.71 -11.05 -15.99
C ASN A 464 -33.33 -12.09 -17.06
N ALA A 465 -32.06 -12.14 -17.41
CA ALA A 465 -31.59 -13.06 -18.47
C ALA A 465 -31.67 -14.51 -18.01
N THR A 466 -31.39 -14.74 -16.73
CA THR A 466 -31.33 -16.10 -16.17
C THR A 466 -32.67 -16.60 -15.67
N GLY A 467 -33.55 -15.67 -15.35
CA GLY A 467 -34.79 -16.01 -14.67
C GLY A 467 -34.59 -16.39 -13.21
N CYS A 468 -33.40 -16.12 -12.67
CA CYS A 468 -33.11 -16.44 -11.27
C CYS A 468 -33.03 -15.20 -10.37
N ALA A 469 -33.48 -15.36 -9.13
CA ALA A 469 -33.33 -14.30 -8.14
C ALA A 469 -31.86 -14.07 -7.87
N LEU A 471 -29.30 -12.82 -5.00
CA LEU A 471 -29.15 -12.51 -3.57
C LEU A 471 -27.77 -11.92 -3.32
N LEU A 472 -27.74 -10.73 -2.71
CA LEU A 472 -26.48 -10.05 -2.43
C LEU A 472 -26.19 -10.14 -0.94
N PRO A 473 -24.92 -10.40 -0.58
CA PRO A 473 -24.57 -10.57 0.84
C PRO A 473 -24.50 -9.22 1.53
N GLU A 474 -24.61 -9.25 2.85
CA GLU A 474 -24.45 -8.04 3.63
C GLU A 474 -23.05 -7.48 3.41
N GLU A 475 -22.06 -8.36 3.39
CA GLU A 475 -20.68 -7.96 3.10
C GLU A 475 -20.25 -8.48 1.73
N SER A 476 -20.00 -7.58 0.78
CA SER A 476 -19.74 -7.98 -0.61
C SER A 476 -18.32 -8.52 -0.82
N GLU A 477 -17.41 -8.18 0.08
CA GLU A 477 -16.05 -8.70 0.06
C GLU A 477 -16.05 -10.16 0.48
N ALA A 478 -16.64 -11.03 -0.35
CA ALA A 478 -16.87 -12.43 0.01
C ALA A 478 -15.60 -13.26 0.19
N LEU A 480 -12.52 -12.10 1.10
CA LEU A 480 -11.88 -11.71 2.35
C LEU A 480 -12.60 -12.35 3.55
N LEU A 481 -13.93 -12.32 3.51
CA LEU A 481 -14.74 -12.90 4.57
C LEU A 481 -14.56 -14.42 4.67
N GLY A 482 -14.57 -15.10 3.53
CA GLY A 482 -14.42 -16.54 3.51
C GLY A 482 -13.11 -16.96 4.16
N SER A 483 -12.04 -16.25 3.84
CA SER A 483 -10.72 -16.58 4.34
C SER A 483 -10.63 -16.31 5.85
N ALA A 484 -11.30 -15.25 6.30
CA ALA A 484 -11.35 -14.96 7.74
C ALA A 484 -12.13 -16.05 8.48
N GLY A 487 -10.02 -18.86 9.18
CA GLY A 487 -9.25 -18.47 10.36
C GLY A 487 -9.94 -18.76 11.68
N THR A 488 -11.23 -18.48 11.78
CA THR A 488 -11.98 -18.82 12.99
C THR A 488 -12.01 -20.32 13.25
N VAL A 489 -11.95 -21.10 12.18
CA VAL A 489 -12.02 -22.55 12.34
C VAL A 489 -10.66 -23.11 12.74
N ALA A 490 -9.59 -22.53 12.21
CA ALA A 490 -8.24 -22.96 12.62
C ALA A 490 -7.93 -22.51 14.04
N ALA A 491 -8.52 -21.40 14.47
CA ALA A 491 -8.33 -20.91 15.83
C ALA A 491 -9.25 -21.66 16.79
N GLY A 492 -10.11 -22.51 16.24
CA GLY A 492 -11.04 -23.31 17.03
C GLY A 492 -12.18 -22.55 17.65
N VAL A 493 -12.53 -21.41 17.06
CA VAL A 493 -13.66 -20.61 17.55
C VAL A 493 -15.01 -21.14 17.05
N PHE A 494 -15.02 -21.69 15.84
CA PHE A 494 -16.16 -22.46 15.35
C PHE A 494 -15.65 -23.86 15.00
N GLU A 495 -16.51 -24.86 15.10
CA GLU A 495 -16.08 -26.26 14.95
C GLU A 495 -15.99 -26.72 13.49
N SER A 496 -16.68 -26.02 12.60
CA SER A 496 -16.69 -26.37 11.18
C SER A 496 -16.96 -25.14 10.36
N LEU A 497 -16.63 -25.20 9.07
CA LEU A 497 -16.92 -24.11 8.15
C LEU A 497 -18.41 -23.79 8.13
N PRO A 498 -19.27 -24.81 7.99
CA PRO A 498 -20.72 -24.57 7.99
C PRO A 498 -21.22 -23.64 9.10
N GLU A 499 -20.77 -23.83 10.33
CA GLU A 499 -21.29 -22.94 11.39
C GLU A 499 -20.69 -21.54 11.37
N ALA A 500 -19.43 -21.42 10.97
CA ALA A 500 -18.84 -20.10 10.78
C ALA A 500 -19.59 -19.37 9.67
N ALA A 502 -22.63 -19.71 8.78
CA ALA A 502 -23.94 -19.29 9.29
C ALA A 502 -23.87 -18.02 10.15
N ALA A 503 -22.88 -17.95 11.04
CA ALA A 503 -22.79 -16.85 12.00
C ALA A 503 -22.16 -15.58 11.42
N SER A 505 -22.09 -14.56 7.91
CA SER A 505 -22.59 -14.03 6.66
C SER A 505 -24.11 -14.01 6.63
N ARG A 506 -24.67 -12.98 6.01
CA ARG A 506 -26.12 -12.87 5.92
C ARG A 506 -26.54 -12.14 4.64
N ILE A 507 -27.81 -12.22 4.31
CA ILE A 507 -28.29 -11.62 3.08
C ILE A 507 -28.56 -10.14 3.30
N GLY A 508 -28.15 -9.33 2.34
CA GLY A 508 -28.36 -7.90 2.43
C GLY A 508 -29.41 -7.39 1.47
N LYS A 509 -29.64 -8.16 0.40
CA LYS A 509 -30.50 -7.67 -0.69
C LYS A 509 -30.99 -8.81 -1.57
N THR A 510 -32.26 -8.72 -1.99
CA THR A 510 -32.84 -9.69 -2.89
C THR A 510 -33.40 -8.97 -4.12
N VAL A 511 -32.89 -9.32 -5.29
CA VAL A 511 -33.35 -8.69 -6.53
C VAL A 511 -33.91 -9.77 -7.44
N THR A 512 -35.18 -9.66 -7.78
CA THR A 512 -35.87 -10.70 -8.55
C THR A 512 -36.01 -10.34 -10.03
N PRO A 513 -36.24 -11.34 -10.89
CA PRO A 513 -36.51 -11.07 -12.30
C PRO A 513 -37.77 -10.20 -12.47
N GLN A 514 -37.81 -9.43 -13.54
CA GLN A 514 -38.93 -8.52 -13.78
C GLN A 514 -40.04 -9.15 -14.64
N THR A 515 -40.49 -8.47 -15.68
CA THR A 515 -41.70 -8.89 -16.40
C THR A 515 -41.50 -9.99 -17.45
N ASN A 516 -42.61 -10.60 -17.86
CA ASN A 516 -42.60 -11.63 -18.89
C ASN A 516 -42.12 -11.06 -20.22
N LYS A 517 -42.50 -9.82 -20.52
CA LYS A 517 -42.02 -9.17 -21.74
C LYS A 517 -40.50 -9.10 -21.77
N ILE A 518 -39.92 -8.71 -20.64
CA ILE A 518 -38.48 -8.62 -20.52
C ILE A 518 -37.83 -10.01 -20.62
N LYS A 519 -38.41 -10.98 -19.92
CA LYS A 519 -37.94 -12.37 -20.01
C LYS A 519 -37.95 -12.90 -21.44
N ALA A 520 -39.03 -12.65 -22.17
CA ALA A 520 -39.13 -13.12 -23.55
C ALA A 520 -38.08 -12.46 -24.43
N TYR A 521 -37.81 -11.18 -24.18
CA TYR A 521 -36.75 -10.50 -24.89
C TYR A 521 -35.41 -11.23 -24.73
N TYR A 522 -35.07 -11.58 -23.49
CA TYR A 522 -33.83 -12.31 -23.21
C TYR A 522 -33.82 -13.72 -23.81
N ASP A 523 -35.00 -14.32 -23.91
CA ASP A 523 -35.09 -15.62 -24.59
C ASP A 523 -34.64 -15.48 -26.04
N ARG A 524 -35.09 -14.41 -26.69
CA ARG A 524 -34.69 -14.13 -28.06
C ARG A 524 -33.22 -13.75 -28.17
N LYS A 525 -32.75 -12.89 -27.26
CA LYS A 525 -31.32 -12.58 -27.17
C LYS A 525 -30.51 -13.87 -26.98
N TYR A 526 -31.04 -14.80 -26.20
CA TYR A 526 -30.36 -16.07 -25.95
C TYR A 526 -30.26 -16.94 -27.23
N ARG A 527 -31.28 -16.94 -28.07
CA ARG A 527 -31.20 -17.61 -29.35
C ARG A 527 -30.07 -17.04 -30.21
N VAL A 528 -29.97 -15.71 -30.25
CA VAL A 528 -28.91 -15.07 -31.00
C VAL A 528 -27.55 -15.40 -30.41
N PHE A 529 -27.49 -15.42 -29.09
CA PHE A 529 -26.27 -15.79 -28.35
C PHE A 529 -25.74 -17.17 -28.79
N HIS A 530 -26.61 -18.17 -28.82
CA HIS A 530 -26.23 -19.52 -29.28
C HIS A 530 -25.89 -19.55 -30.76
N GLN A 531 -26.65 -18.81 -31.56
CA GLN A 531 -26.41 -18.77 -33.00
C GLN A 531 -25.03 -18.21 -33.31
N TYR A 533 -22.29 -18.44 -31.66
CA TYR A 533 -21.28 -19.50 -31.48
C TYR A 533 -21.16 -20.40 -32.74
N HIS A 534 -22.31 -20.86 -33.24
CA HIS A 534 -22.33 -21.70 -34.44
C HIS A 534 -21.84 -20.95 -35.66
N ASP A 535 -22.13 -19.65 -35.71
CA ASP A 535 -21.64 -18.83 -36.81
C ASP A 535 -20.13 -18.74 -36.77
N HIS A 536 -19.60 -18.59 -35.55
CA HIS A 536 -18.16 -18.55 -35.35
C HIS A 536 -17.52 -19.84 -35.86
N ARG A 538 -18.71 -21.92 -38.05
CA ARG A 538 -18.83 -21.92 -39.50
C ARG A 538 -17.76 -21.07 -40.21
N TYR A 539 -17.46 -19.87 -39.69
CA TYR A 539 -16.39 -19.06 -40.28
C TYR A 539 -15.11 -19.87 -40.27
N GLN A 540 -14.81 -20.46 -39.12
CA GLN A 540 -13.67 -21.35 -38.97
C GLN A 540 -13.65 -22.46 -40.04
N ALA A 541 -14.81 -23.09 -40.25
CA ALA A 541 -14.93 -24.16 -41.24
C ALA A 541 -14.64 -23.63 -42.64
N LEU A 542 -15.15 -22.45 -42.94
CA LEU A 542 -15.01 -21.89 -44.28
C LEU A 542 -13.56 -21.52 -44.59
N GLN A 544 -11.04 -23.12 -43.31
CA GLN A 544 -10.21 -24.31 -43.32
C GLN A 544 -9.83 -24.59 -44.74
N LEU B 3 -22.16 20.25 0.97
CA LEU B 3 -21.58 21.59 0.82
C LEU B 3 -20.49 21.87 1.85
N ALA B 4 -20.12 20.84 2.62
CA ALA B 4 -18.99 20.99 3.54
C ALA B 4 -17.70 20.81 2.76
N SER B 5 -16.75 21.72 2.97
CA SER B 5 -15.47 21.68 2.28
C SER B 5 -14.44 20.81 3.01
N TYR B 6 -13.61 20.11 2.24
CA TYR B 6 -12.53 19.30 2.79
C TYR B 6 -11.21 19.66 2.13
N PHE B 7 -10.12 19.26 2.77
CA PHE B 7 -8.79 19.57 2.25
C PHE B 7 -7.87 18.38 2.42
N ILE B 8 -6.99 18.20 1.44
CA ILE B 8 -6.11 17.06 1.41
C ILE B 8 -4.68 17.49 1.63
N GLY B 9 -3.96 16.74 2.46
CA GLY B 9 -2.53 16.92 2.63
C GLY B 9 -1.84 15.66 2.15
N VAL B 10 -0.76 15.83 1.40
CA VAL B 10 0.05 14.69 0.97
C VAL B 10 1.44 14.78 1.59
N ASP B 11 1.90 13.67 2.14
CA ASP B 11 3.19 13.63 2.80
C ASP B 11 3.97 12.48 2.22
N VAL B 12 4.98 12.81 1.42
CA VAL B 12 5.83 11.77 0.86
C VAL B 12 7.08 11.64 1.73
N GLY B 13 7.10 10.60 2.56
CA GLY B 13 8.23 10.33 3.41
C GLY B 13 9.26 9.48 2.68
N THR B 14 10.19 8.92 3.45
CA THR B 14 11.27 8.13 2.90
C THR B 14 10.75 6.77 2.40
N GLY B 15 9.83 6.18 3.16
CA GLY B 15 9.33 4.85 2.89
C GLY B 15 7.98 4.75 2.18
N SER B 16 7.16 5.78 2.32
CA SER B 16 5.79 5.73 1.82
C SER B 16 5.21 7.09 1.43
N ALA B 17 4.29 7.07 0.49
CA ALA B 17 3.45 8.22 0.20
C ALA B 17 2.19 8.11 1.02
N ARG B 18 1.82 9.21 1.68
CA ARG B 18 0.67 9.23 2.57
C ARG B 18 -0.27 10.37 2.23
N ALA B 19 -1.56 10.12 2.37
CA ALA B 19 -2.57 11.12 2.13
C ALA B 19 -3.59 11.10 3.27
N GLY B 20 -4.04 12.28 3.65
CA GLY B 20 -5.10 12.41 4.63
C GLY B 20 -6.06 13.54 4.27
N VAL B 21 -7.34 13.31 4.54
CA VAL B 21 -8.37 14.32 4.28
C VAL B 21 -8.85 14.95 5.59
N PHE B 22 -8.96 16.27 5.61
CA PHE B 22 -9.34 16.98 6.83
C PHE B 22 -10.56 17.87 6.62
N ASP B 23 -11.34 18.07 7.68
CA ASP B 23 -12.42 19.04 7.64
C ASP B 23 -11.86 20.43 7.94
N LEU B 24 -12.74 21.41 8.04
CA LEU B 24 -12.37 22.81 8.18
C LEU B 24 -11.83 23.16 9.57
N GLN B 25 -12.00 22.26 10.53
CA GLN B 25 -11.43 22.48 11.86
C GLN B 25 -10.25 21.54 12.14
N GLY B 26 -9.85 20.80 11.11
CA GLY B 26 -8.60 20.04 11.16
C GLY B 26 -8.68 18.62 11.67
N ARG B 27 -9.88 18.06 11.71
CA ARG B 27 -9.98 16.63 12.04
C ARG B 27 -9.83 15.80 10.79
N VAL B 29 -10.58 12.82 8.46
CA VAL B 29 -11.74 11.96 8.20
C VAL B 29 -11.43 10.86 7.19
N GLY B 30 -10.15 10.71 6.86
CA GLY B 30 -9.73 9.67 5.94
C GLY B 30 -8.23 9.64 5.72
N GLN B 31 -7.66 8.44 5.61
CA GLN B 31 -6.22 8.31 5.51
C GLN B 31 -5.79 7.05 4.77
N ALA B 32 -4.74 7.17 3.98
CA ALA B 32 -4.25 6.04 3.21
C ALA B 32 -2.75 6.15 3.00
N SER B 33 -2.14 5.04 2.57
CA SER B 33 -0.70 4.95 2.46
C SER B 33 -0.30 3.97 1.36
N ARG B 34 0.84 4.24 0.73
CA ARG B 34 1.44 3.32 -0.24
C ARG B 34 2.95 3.36 -0.11
N GLU B 35 3.59 2.22 0.04
CA GLU B 35 5.04 2.17 0.06
C GLU B 35 5.59 2.61 -1.30
N ILE B 36 6.72 3.31 -1.28
CA ILE B 36 7.39 3.68 -2.51
C ILE B 36 8.70 2.93 -2.59
N THR B 37 9.13 2.64 -3.82
CA THR B 37 10.26 1.76 -4.05
C THR B 37 11.60 2.45 -3.83
N PHE B 39 15.88 2.07 -4.18
CA PHE B 39 16.92 1.34 -4.89
C PHE B 39 18.25 1.69 -4.28
N LYS B 40 19.08 0.69 -4.00
CA LYS B 40 20.40 0.93 -3.43
C LYS B 40 21.47 0.20 -4.23
N PRO B 41 21.87 0.77 -5.39
CA PRO B 41 22.79 0.06 -6.29
C PRO B 41 24.15 -0.23 -5.68
N LYS B 42 24.60 0.65 -4.77
CA LYS B 42 25.83 0.45 -4.03
C LYS B 42 25.84 1.32 -2.78
N ALA B 43 26.89 1.18 -1.98
CA ALA B 43 26.97 1.93 -0.72
C ALA B 43 26.90 3.43 -0.95
N ASP B 44 26.17 4.12 -0.07
CA ASP B 44 26.01 5.57 -0.16
C ASP B 44 25.05 6.01 -1.27
N PHE B 45 24.67 5.09 -2.15
CA PHE B 45 23.72 5.40 -3.22
C PHE B 45 22.30 4.97 -2.87
N VAL B 46 21.39 5.94 -2.80
CA VAL B 46 20.01 5.69 -2.46
C VAL B 46 19.12 6.44 -3.45
N GLU B 47 18.32 5.70 -4.20
CA GLU B 47 17.57 6.27 -5.31
C GLU B 47 16.09 5.90 -5.24
N GLN B 48 15.26 6.74 -5.84
CA GLN B 48 13.84 6.45 -5.98
C GLN B 48 13.34 6.78 -7.39
N SER B 49 12.07 6.52 -7.65
CA SER B 49 11.47 6.72 -8.97
C SER B 49 10.33 7.74 -8.86
N SER B 50 10.41 8.85 -9.59
CA SER B 50 9.41 9.90 -9.46
C SER B 50 8.04 9.45 -9.97
N GLU B 51 8.05 8.60 -10.99
CA GLU B 51 6.84 8.03 -11.54
C GLU B 51 6.17 7.06 -10.56
N ASN B 52 7.00 6.25 -9.88
CA ASN B 52 6.53 5.38 -8.80
C ASN B 52 5.96 6.17 -7.63
N ILE B 53 6.66 7.25 -7.24
CA ILE B 53 6.18 8.10 -6.17
C ILE B 53 4.83 8.71 -6.54
N TRP B 54 4.73 9.23 -7.75
CA TRP B 54 3.47 9.85 -8.18
C TRP B 54 2.33 8.84 -8.22
N GLN B 55 2.63 7.60 -8.60
CA GLN B 55 1.60 6.56 -8.61
C GLN B 55 1.16 6.23 -7.19
N ALA B 56 2.09 6.29 -6.24
CA ALA B 56 1.77 6.03 -4.84
C ALA B 56 0.88 7.12 -4.28
N VAL B 57 1.21 8.37 -4.59
CA VAL B 57 0.44 9.52 -4.16
C VAL B 57 -1.00 9.46 -4.71
N CYS B 58 -1.15 9.09 -5.98
CA CYS B 58 -2.49 8.98 -6.55
C CYS B 58 -3.29 7.85 -5.91
N ASN B 59 -2.66 6.70 -5.72
CA ASN B 59 -3.36 5.59 -5.10
C ASN B 59 -3.72 5.90 -3.66
N ALA B 60 -2.84 6.64 -2.98
CA ALA B 60 -3.06 7.07 -1.60
C ALA B 60 -4.19 8.08 -1.44
N VAL B 61 -4.25 9.08 -2.31
CA VAL B 61 -5.34 10.05 -2.16
C VAL B 61 -6.68 9.48 -2.65
N ARG B 62 -6.64 8.50 -3.54
CA ARG B 62 -7.85 7.81 -3.98
C ARG B 62 -8.44 7.01 -2.82
N ASP B 63 -7.59 6.23 -2.15
CA ASP B 63 -8.02 5.43 -1.00
C ASP B 63 -8.43 6.31 0.18
N ALA B 64 -7.84 7.50 0.27
CA ALA B 64 -8.18 8.43 1.34
C ALA B 64 -9.55 9.04 1.14
N VAL B 65 -9.83 9.51 -0.07
CA VAL B 65 -11.14 10.07 -0.37
C VAL B 65 -12.20 8.98 -0.29
N ASN B 66 -11.84 7.78 -0.71
CA ASN B 66 -12.74 6.64 -0.62
C ASN B 66 -13.06 6.29 0.82
N GLN B 67 -12.04 6.35 1.68
CA GLN B 67 -12.22 6.03 3.09
C GLN B 67 -13.05 7.12 3.77
N ALA B 68 -12.74 8.37 3.44
CA ALA B 68 -13.46 9.52 3.99
C ALA B 68 -14.92 9.53 3.56
N ASP B 69 -15.20 9.04 2.36
CA ASP B 69 -16.57 9.00 1.85
C ASP B 69 -17.12 10.40 1.62
N ILE B 70 -16.47 11.15 0.73
CA ILE B 70 -16.96 12.45 0.29
C ILE B 70 -16.86 12.49 -1.22
N ASN B 71 -17.53 13.48 -1.81
CA ASN B 71 -17.47 13.67 -3.27
C ASN B 71 -16.31 14.58 -3.64
N PRO B 72 -15.66 14.29 -4.78
CA PRO B 72 -14.50 15.07 -5.24
C PRO B 72 -14.78 16.58 -5.22
N ILE B 73 -16.01 16.98 -5.52
CA ILE B 73 -16.32 18.41 -5.58
C ILE B 73 -16.20 19.09 -4.22
N GLN B 74 -16.19 18.30 -3.15
CA GLN B 74 -16.09 18.86 -1.80
C GLN B 74 -14.64 19.02 -1.34
N VAL B 75 -13.70 18.51 -2.15
CA VAL B 75 -12.28 18.73 -1.88
C VAL B 75 -11.87 20.06 -2.50
N LYS B 76 -11.48 21.01 -1.65
CA LYS B 76 -11.28 22.38 -2.09
C LYS B 76 -9.82 22.80 -2.15
N GLY B 77 -8.92 21.91 -1.77
CA GLY B 77 -7.51 22.27 -1.71
C GLY B 77 -6.58 21.13 -1.40
N LEU B 78 -5.38 21.20 -1.95
CA LEU B 78 -4.35 20.20 -1.71
C LEU B 78 -3.05 20.86 -1.29
N GLY B 79 -2.39 20.27 -0.31
CA GLY B 79 -1.05 20.66 0.07
C GLY B 79 -0.13 19.47 -0.08
N PHE B 80 1.11 19.73 -0.50
CA PHE B 80 2.08 18.67 -0.73
C PHE B 80 3.34 18.93 0.10
N ASP B 81 3.82 17.89 0.78
CA ASP B 81 5.15 17.96 1.41
C ASP B 81 5.90 16.66 1.12
N ALA B 82 7.22 16.73 1.19
CA ALA B 82 8.06 15.58 0.89
C ALA B 82 9.45 15.75 1.49
N THR B 83 10.22 14.65 1.52
CA THR B 83 11.61 14.72 1.94
C THR B 83 12.32 15.61 0.95
N CYS B 84 13.43 16.23 1.36
CA CYS B 84 14.17 17.06 0.42
C CYS B 84 15.08 16.20 -0.46
N SER B 85 14.46 15.33 -1.25
CA SER B 85 15.18 14.52 -2.22
C SER B 85 15.23 15.28 -3.54
N LEU B 86 16.05 14.79 -4.48
CA LEU B 86 16.28 15.52 -5.75
C LEU B 86 15.72 14.78 -6.95
N VAL B 87 14.81 15.41 -7.68
CA VAL B 87 14.17 14.79 -8.85
C VAL B 87 14.69 15.39 -10.15
N VAL B 88 15.21 14.54 -11.04
CA VAL B 88 15.77 15.01 -12.29
C VAL B 88 14.88 14.62 -13.46
N LEU B 89 14.59 15.57 -14.34
CA LEU B 89 13.74 15.34 -15.50
C LEU B 89 14.40 15.92 -16.74
N ASP B 90 14.07 15.37 -17.91
CA ASP B 90 14.67 15.86 -19.16
C ASP B 90 13.88 17.02 -19.73
N LYS B 91 14.24 17.45 -20.93
CA LYS B 91 13.66 18.64 -21.54
C LYS B 91 12.16 18.46 -21.87
N GLU B 92 11.70 17.22 -21.90
CA GLU B 92 10.29 16.93 -22.14
C GLU B 92 9.56 16.63 -20.83
N GLY B 93 10.27 16.76 -19.71
CA GLY B 93 9.64 16.54 -18.42
C GLY B 93 9.50 15.08 -18.05
N ASN B 94 10.32 14.24 -18.66
CA ASN B 94 10.28 12.82 -18.35
C ASN B 94 11.47 12.43 -17.48
N PRO B 95 11.30 11.36 -16.68
CA PRO B 95 12.39 10.92 -15.82
C PRO B 95 13.71 10.74 -16.58
N LEU B 96 14.79 11.24 -15.99
CA LEU B 96 16.11 11.16 -16.59
C LEU B 96 17.03 10.60 -15.52
N THR B 97 17.87 9.64 -15.89
CA THR B 97 18.57 8.82 -14.88
C THR B 97 19.63 9.56 -14.05
N VAL B 98 19.69 9.21 -12.78
CA VAL B 98 20.76 9.68 -11.92
C VAL B 98 21.60 8.48 -11.48
N SER B 99 21.37 7.33 -12.11
CA SER B 99 21.72 6.05 -11.50
C SER B 99 22.82 5.26 -12.24
N PRO B 100 23.64 4.55 -11.48
CA PRO B 100 24.59 3.59 -12.06
C PRO B 100 23.86 2.54 -12.88
N SER B 101 22.60 2.31 -12.55
CA SER B 101 21.77 1.32 -13.27
C SER B 101 21.45 1.76 -14.70
N GLY B 102 21.56 3.06 -14.95
CA GLY B 102 21.22 3.62 -16.24
C GLY B 102 19.72 3.75 -16.49
N ARG B 103 18.91 3.21 -15.58
CA ARG B 103 17.46 3.24 -15.74
C ARG B 103 16.87 4.64 -15.53
N ASN B 104 16.17 5.15 -16.54
CA ASN B 104 15.54 6.46 -16.45
C ASN B 104 14.52 6.50 -15.32
N GLU B 105 14.01 5.34 -14.94
CA GLU B 105 13.08 5.20 -13.84
C GLU B 105 13.71 5.68 -12.53
N GLN B 106 14.99 5.42 -12.39
CA GLN B 106 15.71 5.79 -11.19
C GLN B 106 16.30 7.18 -11.37
N ASN B 107 15.46 8.19 -11.13
CA ASN B 107 15.76 9.57 -11.45
C ASN B 107 15.68 10.48 -10.22
N VAL B 108 15.65 9.89 -9.04
CA VAL B 108 15.57 10.66 -7.78
C VAL B 108 16.71 10.28 -6.85
N ILE B 109 17.51 11.27 -6.49
CA ILE B 109 18.54 11.08 -5.48
C ILE B 109 17.94 11.42 -4.11
N VAL B 110 17.75 10.40 -3.28
CA VAL B 110 17.08 10.55 -1.99
C VAL B 110 17.93 11.40 -1.05
N TRP B 111 17.28 12.13 -0.14
CA TRP B 111 17.97 13.01 0.80
C TRP B 111 19.14 12.33 1.48
N ASP B 113 21.09 10.05 0.54
CA ASP B 113 22.18 9.60 -0.35
C ASP B 113 23.41 10.42 -0.04
N HIS B 114 24.55 9.74 0.06
CA HIS B 114 25.82 10.40 0.38
C HIS B 114 26.88 10.28 -0.70
N ARG B 115 26.48 10.10 -1.96
CA ARG B 115 27.47 9.99 -3.05
C ARG B 115 28.33 11.25 -3.20
N ALA B 116 27.80 12.40 -2.76
CA ALA B 116 28.47 13.70 -2.99
C ALA B 116 29.31 14.24 -1.83
N ILE B 117 29.90 13.36 -1.03
CA ILE B 117 30.77 13.79 0.07
C ILE B 117 31.91 14.69 -0.42
N THR B 118 32.55 14.26 -1.51
CA THR B 118 33.69 14.96 -2.10
C THR B 118 33.32 16.35 -2.60
N GLN B 119 32.13 16.47 -3.18
CA GLN B 119 31.67 17.75 -3.71
C GLN B 119 31.39 18.77 -2.58
N ALA B 120 30.88 18.29 -1.46
CA ALA B 120 30.57 19.14 -0.33
C ALA B 120 31.86 19.72 0.25
N GLU B 121 32.88 18.86 0.33
CA GLU B 121 34.19 19.29 0.80
C GLU B 121 34.78 20.38 -0.10
N ARG B 122 34.63 20.21 -1.41
CA ARG B 122 35.13 21.20 -2.36
C ARG B 122 34.36 22.51 -2.23
N ILE B 123 33.04 22.40 -2.14
CA ILE B 123 32.20 23.57 -1.89
C ILE B 123 32.57 24.29 -0.60
N ASN B 124 32.74 23.51 0.47
CA ASN B 124 33.11 24.07 1.77
C ASN B 124 34.42 24.84 1.75
N ALA B 125 35.37 24.38 0.94
CA ALA B 125 36.67 25.06 0.80
C ALA B 125 36.57 26.46 0.17
N THR B 126 35.48 26.78 -0.49
CA THR B 126 35.33 28.12 -1.06
C THR B 126 35.05 29.14 0.03
N LYS B 127 34.48 28.65 1.14
CA LYS B 127 34.04 29.51 2.24
C LYS B 127 33.10 30.61 1.77
N HIS B 128 32.24 30.31 0.80
CA HIS B 128 31.36 31.32 0.23
C HIS B 128 30.32 31.78 1.27
N PRO B 129 29.98 33.07 1.24
CA PRO B 129 29.02 33.71 2.16
C PRO B 129 27.68 32.98 2.29
N VAL B 130 27.19 32.34 1.23
CA VAL B 130 25.89 31.67 1.35
C VAL B 130 25.97 30.48 2.31
N LEU B 131 27.18 30.00 2.56
CA LEU B 131 27.40 28.88 3.48
C LEU B 131 27.26 29.31 4.94
N GLU B 132 27.17 30.61 5.18
CA GLU B 132 26.99 31.07 6.55
C GLU B 132 25.58 30.77 7.08
N PHE B 133 24.67 30.41 6.17
CA PHE B 133 23.33 30.01 6.58
C PHE B 133 23.19 28.53 6.91
N VAL B 134 24.25 27.76 6.72
CA VAL B 134 24.30 26.35 7.13
C VAL B 134 25.54 26.08 7.98
N GLY B 135 25.86 27.03 8.86
CA GLY B 135 26.95 26.92 9.81
C GLY B 135 28.33 26.89 9.20
N GLY B 136 28.45 27.36 7.96
CA GLY B 136 29.70 27.33 7.22
C GLY B 136 30.10 25.99 6.64
N VAL B 137 29.29 24.96 6.88
CA VAL B 137 29.64 23.59 6.49
C VAL B 137 28.48 22.88 5.78
N ILE B 138 28.46 22.94 4.45
CA ILE B 138 27.38 22.35 3.69
C ILE B 138 27.40 20.85 3.89
N SER B 139 26.23 20.23 3.82
CA SER B 139 26.09 18.80 3.96
C SER B 139 25.97 18.11 2.59
N PRO B 140 26.53 16.89 2.47
CA PRO B 140 26.48 16.12 1.22
C PRO B 140 25.05 15.75 0.88
N GLU B 141 24.16 15.87 1.86
CA GLU B 141 22.76 15.56 1.67
C GLU B 141 22.02 16.69 0.97
N GLN B 143 21.41 19.85 -1.80
CA GLN B 143 21.22 19.66 -3.23
C GLN B 143 22.39 20.11 -4.11
N THR B 144 23.00 21.25 -3.80
CA THR B 144 24.06 21.73 -4.69
C THR B 144 25.29 20.80 -4.77
N PRO B 145 25.69 20.17 -3.64
CA PRO B 145 26.76 19.17 -3.79
C PRO B 145 26.33 18.02 -4.69
N LYS B 146 25.07 17.61 -4.62
CA LYS B 146 24.59 16.52 -5.47
C LYS B 146 24.53 16.95 -6.92
N LEU B 147 24.15 18.20 -7.15
CA LEU B 147 24.14 18.76 -8.51
C LEU B 147 25.55 18.74 -9.11
N LEU B 148 26.54 19.12 -8.31
CA LEU B 148 27.91 19.13 -8.80
C LEU B 148 28.38 17.71 -9.09
N TRP B 149 27.99 16.76 -8.25
CA TRP B 149 28.31 15.36 -8.49
C TRP B 149 27.74 14.93 -9.84
N LEU B 150 26.47 15.27 -10.08
CA LEU B 150 25.80 14.89 -11.32
C LEU B 150 26.44 15.52 -12.56
N LYS B 151 26.89 16.76 -12.43
CA LYS B 151 27.53 17.43 -13.55
C LYS B 151 28.82 16.69 -13.92
N GLN B 152 29.53 16.24 -12.91
CA GLN B 152 30.84 15.64 -13.13
C GLN B 152 30.75 14.17 -13.55
N HIS B 153 29.78 13.45 -13.01
CA HIS B 153 29.74 12.00 -13.18
C HIS B 153 28.73 11.49 -14.20
N PRO B 155 27.61 13.21 -17.36
CA PRO B 155 27.54 14.31 -18.33
C PRO B 155 26.39 14.15 -19.31
N ASN B 156 26.04 12.90 -19.66
CA ASN B 156 24.95 12.69 -20.61
C ASN B 156 23.64 13.16 -20.02
N THR B 157 23.40 12.79 -18.77
CA THR B 157 22.25 13.29 -18.01
C THR B 157 22.27 14.81 -17.86
N TRP B 158 23.42 15.35 -17.45
CA TRP B 158 23.54 16.79 -17.28
C TRP B 158 23.16 17.55 -18.55
N SER B 159 23.70 17.10 -19.67
CA SER B 159 23.42 17.73 -20.94
C SER B 159 21.94 17.69 -21.32
N ASN B 160 21.22 16.68 -20.85
CA ASN B 160 19.81 16.50 -21.21
C ASN B 160 18.80 17.00 -20.15
N VAL B 161 19.30 17.63 -19.09
CA VAL B 161 18.42 18.13 -18.02
C VAL B 161 17.47 19.24 -18.46
N GLY B 162 16.19 19.07 -18.14
CA GLY B 162 15.20 20.14 -18.29
C GLY B 162 14.74 20.71 -16.95
N HIS B 163 14.60 19.87 -15.94
CA HIS B 163 14.16 20.32 -14.62
C HIS B 163 14.95 19.65 -13.51
N LEU B 164 15.33 20.45 -12.52
CA LEU B 164 15.93 19.95 -11.29
C LEU B 164 15.01 20.35 -10.14
N PHE B 165 14.26 19.39 -9.61
CA PHE B 165 13.25 19.66 -8.60
C PHE B 165 13.62 19.10 -7.23
N ASP B 166 13.43 19.90 -6.18
CA ASP B 166 13.36 19.31 -4.85
C ASP B 166 12.05 18.52 -4.87
N LEU B 167 12.02 17.36 -4.24
CA LEU B 167 10.86 16.48 -4.36
C LEU B 167 9.51 17.18 -4.13
N PRO B 168 9.39 17.99 -3.07
CA PRO B 168 8.10 18.67 -2.82
C PRO B 168 7.63 19.50 -4.02
N ASP B 169 8.53 20.26 -4.63
CA ASP B 169 8.22 21.02 -5.86
C ASP B 169 7.91 20.14 -7.08
N PHE B 170 8.54 18.98 -7.20
CA PHE B 170 8.17 18.06 -8.28
C PHE B 170 6.71 17.67 -8.13
N LEU B 171 6.29 17.45 -6.88
CA LEU B 171 4.92 17.05 -6.62
C LEU B 171 3.92 18.13 -7.05
N THR B 172 4.18 19.39 -6.70
CA THR B 172 3.26 20.44 -7.09
C THR B 172 3.30 20.64 -8.61
N TRP B 173 4.47 20.50 -9.22
CA TRP B 173 4.59 20.62 -10.66
C TRP B 173 3.85 19.51 -11.39
N ARG B 174 3.99 18.28 -10.91
CA ARG B 174 3.32 17.15 -11.54
C ARG B 174 1.81 17.29 -11.39
N ALA B 175 1.40 18.02 -10.35
CA ALA B 175 -0.01 18.21 -10.04
C ALA B 175 -0.66 19.36 -10.84
N THR B 176 0.13 20.36 -11.18
CA THR B 176 -0.42 21.59 -11.74
C THR B 176 0.21 22.08 -13.05
N LYS B 177 1.32 21.46 -13.47
CA LYS B 177 2.11 21.94 -14.62
C LYS B 177 2.87 23.25 -14.34
N ASP B 178 2.69 23.79 -13.14
CA ASP B 178 3.34 25.04 -12.77
C ASP B 178 4.74 24.78 -12.22
N GLU B 179 5.74 25.47 -12.77
CA GLU B 179 7.14 25.25 -12.39
C GLU B 179 7.64 26.05 -11.18
N THR B 180 6.80 26.92 -10.61
CA THR B 180 7.22 27.72 -9.46
C THR B 180 7.76 26.85 -8.32
N ARG B 181 8.83 27.32 -7.68
CA ARG B 181 9.46 26.63 -6.55
C ARG B 181 9.05 27.25 -5.20
N SER B 182 9.28 26.51 -4.12
CA SER B 182 8.97 26.97 -2.77
C SER B 182 10.18 27.66 -2.14
N LEU B 183 9.92 28.69 -1.34
CA LEU B 183 10.96 29.34 -0.58
C LEU B 183 11.54 28.40 0.48
N CYS B 184 10.79 27.37 0.84
CA CYS B 184 11.27 26.41 1.82
C CYS B 184 12.42 25.57 1.24
N SER B 185 12.12 24.80 0.21
CA SER B 185 13.14 23.95 -0.41
C SER B 185 14.35 24.76 -0.83
N THR B 186 14.10 25.86 -1.55
CA THR B 186 15.17 26.66 -2.13
C THR B 186 16.09 27.35 -1.10
N VAL B 187 15.51 28.00 -0.11
CA VAL B 187 16.32 28.68 0.91
C VAL B 187 17.06 27.68 1.82
N CYS B 188 16.37 26.62 2.22
CA CYS B 188 16.93 25.70 3.20
C CYS B 188 18.01 24.81 2.59
N LYS B 189 17.76 24.32 1.38
CA LYS B 189 18.61 23.28 0.78
C LYS B 189 19.28 23.60 -0.55
N TRP B 190 18.98 24.75 -1.16
CA TRP B 190 19.57 25.11 -2.46
C TRP B 190 20.39 26.41 -2.45
N THR B 191 20.43 27.10 -1.30
CA THR B 191 21.16 28.37 -1.09
C THR B 191 20.43 29.65 -1.55
N TYR B 192 19.21 29.52 -2.02
CA TYR B 192 18.39 30.69 -2.37
C TYR B 192 18.37 31.70 -1.22
N LEU B 193 18.57 32.97 -1.54
CA LEU B 193 18.51 34.03 -0.54
C LEU B 193 17.09 34.56 -0.40
N GLY B 194 16.37 34.07 0.59
CA GLY B 194 14.98 34.46 0.79
C GLY B 194 14.82 35.94 1.02
N HIS B 195 15.82 36.56 1.66
CA HIS B 195 15.74 37.98 2.03
C HIS B 195 16.18 38.91 0.91
N GLU B 196 16.74 38.36 -0.16
CA GLU B 196 17.09 39.15 -1.33
C GLU B 196 16.30 38.66 -2.54
N ASP B 197 15.62 37.53 -2.36
CA ASP B 197 14.72 36.98 -3.37
C ASP B 197 15.47 36.67 -4.66
N ARG B 198 16.58 35.96 -4.55
CA ARG B 198 17.38 35.59 -5.70
C ARG B 198 18.31 34.42 -5.42
N TRP B 199 18.75 33.75 -6.48
CA TRP B 199 19.95 32.93 -6.43
C TRP B 199 21.15 33.87 -6.44
N ASP B 200 22.22 33.49 -5.74
CA ASP B 200 23.46 34.26 -5.77
C ASP B 200 24.37 33.72 -6.87
N PRO B 201 24.53 34.51 -7.95
CA PRO B 201 25.32 34.06 -9.10
C PRO B 201 26.79 33.78 -8.75
N SER B 202 27.36 34.53 -7.81
CA SER B 202 28.76 34.32 -7.46
C SER B 202 28.99 32.95 -6.86
N TYR B 203 28.03 32.45 -6.08
CA TYR B 203 28.14 31.11 -5.54
C TYR B 203 28.12 30.04 -6.64
N PHE B 204 27.11 30.07 -7.50
CA PHE B 204 26.99 29.07 -8.55
C PHE B 204 28.18 29.08 -9.51
N LYS B 205 28.70 30.26 -9.84
CA LYS B 205 29.86 30.36 -10.70
C LYS B 205 31.10 29.84 -9.99
N LEU B 206 31.19 30.12 -8.70
CA LEU B 206 32.35 29.75 -7.91
C LEU B 206 32.42 28.25 -7.63
N VAL B 207 31.26 27.58 -7.60
CA VAL B 207 31.28 26.13 -7.34
C VAL B 207 31.21 25.30 -8.63
N GLY B 208 31.12 25.97 -9.77
CA GLY B 208 31.14 25.27 -11.04
C GLY B 208 29.76 24.81 -11.48
N LEU B 209 28.74 25.58 -11.08
CA LEU B 209 27.37 25.33 -11.49
C LEU B 209 26.77 26.53 -12.22
N ALA B 210 27.63 27.38 -12.78
CA ALA B 210 27.20 28.62 -13.41
C ALA B 210 26.09 28.40 -14.44
N ASP B 211 26.15 27.29 -15.17
CA ASP B 211 25.17 27.02 -16.20
C ASP B 211 23.72 26.93 -15.68
N LEU B 212 23.56 26.65 -14.39
CA LEU B 212 22.22 26.49 -13.82
C LEU B 212 21.41 27.77 -13.90
N LEU B 213 22.10 28.91 -13.99
CA LEU B 213 21.44 30.21 -13.96
C LEU B 213 20.98 30.70 -15.33
N ASP B 214 21.39 30.00 -16.39
CA ASP B 214 21.00 30.37 -17.75
C ASP B 214 19.49 30.40 -17.94
N ASN B 215 19.01 31.21 -18.89
CA ASN B 215 17.59 31.34 -19.15
C ASN B 215 16.78 31.66 -17.88
N ASN B 216 17.26 32.63 -17.12
CA ASN B 216 16.56 33.07 -15.92
C ASN B 216 16.45 31.93 -14.92
N ALA B 217 17.46 31.06 -14.91
CA ALA B 217 17.54 29.93 -13.99
C ALA B 217 16.40 28.93 -14.15
N ALA B 218 15.98 28.72 -15.40
CA ALA B 218 14.85 27.85 -15.72
C ALA B 218 14.91 26.44 -15.10
N LYS B 219 16.10 25.85 -15.10
CA LYS B 219 16.30 24.48 -14.58
C LYS B 219 16.08 24.30 -13.07
N ILE B 220 16.35 25.34 -12.28
CA ILE B 220 16.24 25.22 -10.81
C ILE B 220 15.15 26.08 -10.17
N GLY B 221 14.54 26.97 -10.94
CA GLY B 221 13.49 27.83 -10.42
C GLY B 221 13.59 29.27 -10.89
N ALA B 222 12.75 29.63 -11.85
CA ALA B 222 12.69 31.00 -12.36
C ALA B 222 11.80 31.86 -11.47
N THR B 223 10.87 31.20 -10.78
CA THR B 223 9.98 31.87 -9.84
C THR B 223 9.92 31.06 -8.54
N VAL B 224 9.92 31.76 -7.42
CA VAL B 224 9.93 31.17 -6.09
C VAL B 224 8.89 31.87 -5.24
N LYS B 225 7.98 31.12 -4.62
CA LYS B 225 6.84 31.71 -3.91
C LYS B 225 6.67 31.18 -2.48
N PRO B 226 5.86 31.88 -1.67
CA PRO B 226 5.56 31.46 -0.29
C PRO B 226 4.53 30.35 -0.21
N GLY B 228 1.16 28.43 0.81
CA GLY B 228 -0.20 28.93 0.88
C GLY B 228 -0.64 29.68 -0.36
N ALA B 229 0.32 30.11 -1.17
CA ALA B 229 0.01 30.69 -2.48
C ALA B 229 -0.47 29.62 -3.46
N PRO B 230 -1.42 29.96 -4.34
CA PRO B 230 -1.98 29.00 -5.30
C PRO B 230 -1.11 28.90 -6.54
N LEU B 231 -1.00 27.68 -7.09
CA LEU B 231 -0.14 27.42 -8.24
C LEU B 231 -0.94 27.15 -9.50
N GLY B 232 -0.52 27.76 -10.61
CA GLY B 232 -1.15 27.53 -11.90
C GLY B 232 -2.65 27.80 -11.87
N HIS B 233 -3.42 26.89 -12.46
CA HIS B 233 -4.88 27.00 -12.41
C HIS B 233 -5.46 25.85 -11.61
N GLY B 234 -4.74 25.48 -10.55
CA GLY B 234 -5.14 24.37 -9.71
C GLY B 234 -4.76 23.05 -10.35
N LEU B 235 -5.42 22.00 -9.90
CA LEU B 235 -5.15 20.66 -10.40
C LEU B 235 -5.29 20.64 -11.91
N SER B 236 -4.33 20.03 -12.59
CA SER B 236 -4.38 19.88 -14.04
C SER B 236 -5.42 18.83 -14.42
N GLN B 237 -5.85 18.86 -15.68
CA GLN B 237 -6.84 17.90 -16.13
C GLN B 237 -6.28 16.50 -15.97
N ARG B 238 -5.01 16.33 -16.36
CA ARG B 238 -4.35 15.03 -16.24
C ARG B 238 -4.27 14.58 -14.78
N ALA B 239 -3.75 15.46 -13.91
CA ALA B 239 -3.57 15.13 -12.51
C ALA B 239 -4.90 14.72 -11.86
N ALA B 240 -5.93 15.53 -12.09
CA ALA B 240 -7.27 15.23 -11.60
C ALA B 240 -7.73 13.84 -12.03
N SER B 241 -7.52 13.54 -13.31
CA SER B 241 -7.87 12.23 -13.82
C SER B 241 -7.16 11.12 -13.05
N GLU B 242 -5.89 11.34 -12.75
CA GLU B 242 -5.06 10.33 -12.10
C GLU B 242 -5.39 10.12 -10.62
N GLY B 244 -8.45 10.98 -9.28
CA GLY B 244 -9.88 10.93 -9.13
C GLY B 244 -10.44 12.19 -8.50
N LEU B 245 -9.84 13.32 -8.83
CA LEU B 245 -10.29 14.61 -8.26
C LEU B 245 -10.88 15.52 -9.34
N ILE B 246 -11.18 16.75 -8.95
CA ILE B 246 -11.78 17.71 -9.87
C ILE B 246 -10.73 18.65 -10.43
N PRO B 247 -10.64 18.74 -11.77
CA PRO B 247 -9.70 19.71 -12.34
C PRO B 247 -9.95 21.10 -11.80
N GLY B 248 -8.89 21.86 -11.53
CA GLY B 248 -9.03 23.21 -11.00
C GLY B 248 -8.91 23.32 -9.48
N THR B 249 -9.06 22.20 -8.78
CA THR B 249 -8.94 22.18 -7.31
C THR B 249 -7.60 22.82 -6.87
N ALA B 250 -7.69 23.83 -6.00
CA ALA B 250 -6.51 24.60 -5.61
C ALA B 250 -5.37 23.74 -5.04
N VAL B 251 -4.15 24.19 -5.31
CA VAL B 251 -2.93 23.51 -4.91
C VAL B 251 -1.94 24.54 -4.40
N SER B 252 -1.52 24.39 -3.15
CA SER B 252 -0.52 25.29 -2.58
C SER B 252 0.89 25.00 -3.07
N VAL B 253 1.73 26.02 -2.99
CA VAL B 253 3.17 25.88 -3.05
C VAL B 253 3.60 24.83 -2.02
N SER B 254 4.66 24.07 -2.35
CA SER B 254 5.06 22.93 -1.54
C SER B 254 5.86 23.27 -0.26
N ILE B 255 6.23 22.24 0.50
CA ILE B 255 7.08 22.45 1.67
C ILE B 255 7.82 21.14 2.02
N ILE B 256 8.97 21.29 2.69
CA ILE B 256 9.73 20.13 3.15
C ILE B 256 8.96 19.45 4.28
N ASP B 257 9.11 18.14 4.41
CA ASP B 257 8.29 17.38 5.34
C ASP B 257 8.41 17.84 6.80
N ALA B 258 9.63 17.98 7.31
CA ALA B 258 9.80 18.43 8.70
C ALA B 258 9.11 19.78 8.93
N HIS B 259 9.23 20.66 7.94
CA HIS B 259 8.64 21.99 8.04
C HIS B 259 7.11 21.92 8.04
N ALA B 260 6.55 21.04 7.21
CA ALA B 260 5.11 20.75 7.30
C ALA B 260 4.66 20.42 8.73
N GLY B 261 5.43 19.58 9.42
CA GLY B 261 5.14 19.23 10.81
C GLY B 261 5.12 20.45 11.71
N THR B 262 6.07 21.34 11.50
CA THR B 262 6.12 22.56 12.28
C THR B 262 4.87 23.38 12.07
N ILE B 263 4.39 23.47 10.82
CA ILE B 263 3.18 24.23 10.52
C ILE B 263 1.97 23.58 11.16
N GLY B 264 1.95 22.26 11.13
CA GLY B 264 0.89 21.51 11.80
C GLY B 264 0.74 21.74 13.30
N ILE B 265 1.82 22.08 14.01
CA ILE B 265 1.77 22.09 15.49
C ILE B 265 2.18 23.39 16.18
N LEU B 266 2.97 24.21 15.51
CA LEU B 266 3.58 25.36 16.16
C LEU B 266 2.56 26.44 16.54
N GLY B 267 1.45 26.51 15.81
CA GLY B 267 0.44 27.52 16.10
C GLY B 267 -0.86 27.03 16.73
N ALA B 268 -0.80 25.89 17.43
CA ALA B 268 -1.99 25.37 18.11
C ALA B 268 -2.25 26.19 19.37
N SER B 269 -3.45 26.78 19.45
CA SER B 269 -3.82 27.63 20.58
C SER B 269 -2.76 28.69 20.89
N ASP B 279 9.95 33.67 18.97
CA ASP B 279 9.01 33.95 20.04
C ASP B 279 9.22 33.05 21.26
N ARG B 280 8.12 32.48 21.75
CA ARG B 280 8.12 31.70 22.98
C ARG B 280 8.29 30.19 22.78
N ARG B 281 8.06 29.72 21.56
CA ARG B 281 7.92 28.28 21.32
C ARG B 281 8.99 27.71 20.40
N ILE B 282 9.31 26.43 20.60
CA ILE B 282 10.15 25.67 19.70
C ILE B 282 9.36 24.42 19.30
N ALA B 283 9.52 23.97 18.05
CA ALA B 283 8.89 22.73 17.61
C ALA B 283 9.92 21.60 17.56
N LEU B 284 9.55 20.45 18.12
CA LEU B 284 10.38 19.25 18.03
C LEU B 284 9.68 18.25 17.16
N ILE B 285 10.20 18.07 15.95
CA ILE B 285 9.67 17.10 15.01
C ILE B 285 10.43 15.79 15.18
N GLY B 286 9.80 14.85 15.88
CA GLY B 286 10.49 13.64 16.33
C GLY B 286 10.42 12.46 15.39
N GLY B 287 11.24 11.46 15.66
CA GLY B 287 11.33 10.28 14.81
C GLY B 287 12.63 9.57 15.10
N THR B 288 13.23 8.97 14.08
CA THR B 288 14.53 8.35 14.23
C THR B 288 15.57 9.42 14.58
N SER B 289 15.34 10.61 14.05
CA SER B 289 16.10 11.80 14.40
C SER B 289 15.05 12.85 14.76
N THR B 290 15.49 13.98 15.30
CA THR B 290 14.58 15.06 15.67
C THR B 290 15.07 16.42 15.16
N ALA B 291 14.13 17.20 14.62
CA ALA B 291 14.40 18.56 14.18
C ALA B 291 13.87 19.57 15.19
N HIS B 292 14.69 20.57 15.51
CA HIS B 292 14.35 21.61 16.49
C HIS B 292 14.17 22.94 15.78
N ALA B 294 12.48 26.91 15.34
CA ALA B 294 11.88 28.09 15.93
C ALA B 294 11.99 29.25 14.96
N SER B 296 11.90 33.73 14.46
CA SER B 296 12.02 35.06 15.04
C SER B 296 11.83 36.14 13.97
N ARG B 297 11.35 37.32 14.37
CA ARG B 297 11.20 38.47 13.47
C ARG B 297 12.54 39.06 13.03
N SER B 298 13.62 38.68 13.70
CA SER B 298 14.94 39.20 13.37
C SER B 298 15.87 38.05 12.98
N ALA B 299 16.93 38.38 12.26
CA ALA B 299 17.88 37.38 11.82
C ALA B 299 18.93 37.17 12.90
N HIS B 300 19.15 35.89 13.25
CA HIS B 300 20.16 35.54 14.23
C HIS B 300 21.01 34.39 13.69
N PHE B 301 22.31 34.63 13.55
CA PHE B 301 23.24 33.55 13.21
C PHE B 301 23.66 32.84 14.48
N ILE B 302 23.24 31.59 14.65
CA ILE B 302 23.46 30.89 15.91
C ILE B 302 24.40 29.71 15.71
N SER B 303 25.55 29.78 16.36
CA SER B 303 26.56 28.74 16.26
C SER B 303 25.95 27.39 16.63
N GLY B 304 26.06 26.41 15.74
CA GLY B 304 25.53 25.07 16.00
C GLY B 304 24.10 24.88 15.50
N ILE B 305 23.52 25.94 14.95
CA ILE B 305 22.14 25.90 14.45
C ILE B 305 22.08 26.46 13.02
N TRP B 306 21.25 25.84 12.17
CA TRP B 306 21.13 26.30 10.79
C TRP B 306 20.19 27.51 10.69
N GLY B 307 20.31 28.22 9.58
CA GLY B 307 19.58 29.48 9.43
C GLY B 307 20.50 30.65 9.72
N PRO B 308 19.93 31.87 9.78
CA PRO B 308 18.49 32.14 9.74
C PRO B 308 17.96 32.11 8.30
N TYR B 309 16.87 31.40 8.08
CA TYR B 309 16.27 31.32 6.75
C TYR B 309 15.05 32.23 6.64
N TYR B 310 15.14 33.27 5.83
CA TYR B 310 14.04 34.23 5.74
C TYR B 310 12.83 33.69 4.99
N SER B 311 11.67 33.75 5.63
CA SER B 311 10.38 33.28 5.10
C SER B 311 10.40 31.83 4.61
N ALA B 312 11.23 31.01 5.25
CA ALA B 312 11.32 29.59 4.93
C ALA B 312 10.03 28.84 5.27
N ILE B 313 9.28 29.35 6.24
CA ILE B 313 8.00 28.78 6.62
C ILE B 313 6.91 29.85 6.63
N LEU B 314 7.04 30.81 7.54
CA LEU B 314 6.09 31.92 7.62
C LEU B 314 6.69 33.18 7.02
N PRO B 315 5.87 33.93 6.28
CA PRO B 315 6.29 35.24 5.74
C PRO B 315 6.83 36.13 6.85
N GLU B 316 7.90 36.88 6.55
CA GLU B 316 8.48 37.86 7.46
C GLU B 316 8.98 37.27 8.77
N TYR B 317 9.34 35.99 8.75
CA TYR B 317 9.96 35.36 9.91
C TYR B 317 11.26 34.69 9.49
N TRP B 318 12.26 34.74 10.37
CA TRP B 318 13.53 34.08 10.12
C TRP B 318 13.52 32.73 10.81
N LEU B 319 13.78 31.68 10.04
CA LEU B 319 13.78 30.33 10.58
C LEU B 319 15.16 29.90 11.03
N ASN B 320 15.29 29.46 12.28
CA ASN B 320 16.47 28.71 12.70
C ASN B 320 16.10 27.25 12.94
N GLU B 321 16.94 26.34 12.46
CA GLU B 321 16.67 24.90 12.54
C GLU B 321 17.86 24.16 13.11
N GLY B 322 17.64 23.47 14.23
CA GLY B 322 18.66 22.63 14.82
C GLY B 322 18.25 21.17 14.74
N GLY B 323 19.05 20.29 15.32
CA GLY B 323 18.70 18.88 15.28
C GLY B 323 19.51 17.99 16.17
N GLN B 324 18.94 16.83 16.45
CA GLN B 324 19.65 15.71 17.04
C GLN B 324 19.59 14.56 16.03
N SER B 325 20.75 14.04 15.63
CA SER B 325 20.81 13.07 14.54
C SER B 325 20.19 11.71 14.89
N ALA B 326 20.26 11.33 16.16
CA ALA B 326 19.73 10.03 16.56
C ALA B 326 18.97 10.15 17.87
N THR B 327 17.65 10.11 17.78
CA THR B 327 16.81 10.22 18.95
C THR B 327 16.05 8.91 19.04
N GLY B 328 15.04 8.74 18.18
CA GLY B 328 14.40 7.45 18.08
C GLY B 328 15.39 6.33 17.75
N ALA B 329 16.38 6.64 16.90
CA ALA B 329 17.37 5.65 16.51
C ALA B 329 18.30 5.28 17.68
N LEU B 330 18.57 6.25 18.54
CA LEU B 330 19.44 5.99 19.69
C LEU B 330 18.72 5.16 20.73
N ILE B 331 17.48 5.55 21.04
CA ILE B 331 16.65 4.75 21.93
C ILE B 331 16.56 3.29 21.44
N ASP B 332 16.25 3.09 20.15
CA ASP B 332 16.12 1.74 19.62
C ASP B 332 17.44 0.96 19.65
N HIS B 333 18.54 1.64 19.36
CA HIS B 333 19.86 1.03 19.46
C HIS B 333 20.14 0.52 20.88
N ILE B 334 19.84 1.36 21.86
CA ILE B 334 20.07 1.01 23.26
C ILE B 334 19.22 -0.18 23.67
N ILE B 335 17.93 -0.11 23.38
CA ILE B 335 16.98 -1.18 23.68
C ILE B 335 17.34 -2.49 23.00
N GLN B 336 17.43 -2.44 21.67
CA GLN B 336 17.54 -3.64 20.83
C GLN B 336 18.91 -4.29 20.92
N SER B 337 19.89 -3.56 21.45
CA SER B 337 21.23 -4.10 21.63
C SER B 337 21.36 -4.91 22.92
N HIS B 338 20.41 -4.72 23.83
CA HIS B 338 20.49 -5.34 25.15
C HIS B 338 20.06 -6.82 25.11
N PRO B 339 20.83 -7.70 25.79
CA PRO B 339 20.55 -9.13 25.71
C PRO B 339 19.16 -9.53 26.19
N CYS B 340 18.55 -8.72 27.07
CA CYS B 340 17.21 -9.01 27.58
C CYS B 340 16.10 -8.64 26.61
N TYR B 341 16.47 -8.03 25.49
CA TYR B 341 15.49 -7.52 24.53
C TYR B 341 14.56 -8.58 23.93
N PRO B 342 15.13 -9.67 23.40
CA PRO B 342 14.29 -10.68 22.73
C PRO B 342 13.20 -11.21 23.64
N ALA B 343 13.56 -11.54 24.88
CA ALA B 343 12.60 -12.06 25.84
C ALA B 343 11.56 -11.02 26.28
N LEU B 344 11.99 -9.79 26.53
CA LEU B 344 11.05 -8.75 26.95
C LEU B 344 10.07 -8.38 25.84
N LEU B 345 10.57 -8.31 24.61
CA LEU B 345 9.73 -8.04 23.45
C LEU B 345 8.57 -9.04 23.40
N GLU B 346 8.92 -10.31 23.27
CA GLU B 346 7.92 -11.38 23.26
C GLU B 346 6.87 -11.19 24.33
N GLN B 347 7.31 -10.87 25.55
CA GLN B 347 6.39 -10.67 26.67
C GLN B 347 5.47 -9.48 26.45
N ALA B 348 6.02 -8.40 25.88
CA ALA B 348 5.25 -7.18 25.68
C ALA B 348 4.21 -7.34 24.57
N LYS B 349 4.58 -8.08 23.52
CA LYS B 349 3.63 -8.38 22.45
C LYS B 349 2.45 -9.19 22.97
N ASN B 350 2.76 -10.30 23.64
CA ASN B 350 1.73 -11.17 24.20
C ASN B 350 0.73 -10.41 25.08
N LYS B 351 1.16 -9.29 25.64
CA LYS B 351 0.28 -8.50 26.47
C LYS B 351 -0.29 -7.32 25.70
N GLY B 352 0.00 -7.28 24.41
CA GLY B 352 -0.52 -6.23 23.54
C GLY B 352 0.08 -4.87 23.83
N GLU B 353 1.37 -4.83 24.16
CA GLU B 353 2.02 -3.57 24.49
C GLU B 353 3.33 -3.41 23.71
N THR B 354 3.76 -2.15 23.55
CA THR B 354 5.03 -1.86 22.92
C THR B 354 6.16 -2.11 23.92
N ILE B 355 7.38 -2.28 23.40
CA ILE B 355 8.54 -2.46 24.26
C ILE B 355 8.73 -1.25 25.17
N TYR B 356 8.29 -0.07 24.71
CA TYR B 356 8.42 1.15 25.51
C TYR B 356 7.47 1.10 26.70
N GLU B 357 6.28 0.58 26.48
CA GLU B 357 5.32 0.41 27.57
C GLU B 357 5.82 -0.62 28.57
N ALA B 358 6.37 -1.72 28.07
CA ALA B 358 6.92 -2.77 28.93
C ALA B 358 8.06 -2.23 29.82
N LEU B 359 8.96 -1.45 29.23
CA LEU B 359 10.08 -0.87 29.98
C LEU B 359 9.60 0.19 30.95
N ASN B 360 8.61 0.97 30.54
CA ASN B 360 8.01 2.00 31.39
C ASN B 360 7.42 1.42 32.66
N TYR B 361 6.81 0.25 32.55
CA TYR B 361 6.21 -0.44 33.68
C TYR B 361 7.29 -0.92 34.66
N ILE B 362 8.40 -1.40 34.11
CA ILE B 362 9.53 -1.80 34.93
C ILE B 362 10.02 -0.61 35.73
N LEU B 363 10.16 0.54 35.07
CA LEU B 363 10.64 1.74 35.73
C LEU B 363 9.72 2.14 36.89
N ARG B 364 8.41 2.03 36.69
CA ARG B 364 7.47 2.42 37.75
C ARG B 364 7.56 1.45 38.91
N GLN B 365 7.76 0.17 38.60
CA GLN B 365 7.92 -0.84 39.64
C GLN B 365 9.17 -0.55 40.46
N ALA B 367 10.71 2.37 40.82
CA ALA B 367 10.65 3.65 41.50
C ALA B 367 9.84 3.56 42.79
N GLY B 368 8.85 2.67 42.80
CA GLY B 368 7.90 2.61 43.89
C GLY B 368 6.77 3.58 43.62
N GLU B 369 6.95 4.83 44.05
CA GLU B 369 6.00 5.87 43.70
C GLU B 369 6.61 6.72 42.58
N PRO B 370 5.75 7.24 41.67
CA PRO B 370 6.17 7.77 40.37
C PRO B 370 7.09 8.98 40.43
N GLU B 371 7.11 9.68 41.56
CA GLU B 371 7.93 10.88 41.70
C GLU B 371 9.41 10.55 41.78
N ASN B 372 9.74 9.29 42.00
CA ASN B 372 11.13 8.89 42.17
C ASN B 372 11.75 8.35 40.87
N ILE B 373 10.95 8.26 39.82
CA ILE B 373 11.44 7.68 38.56
C ILE B 373 12.72 8.33 38.04
N ALA B 374 12.74 9.65 37.97
CA ALA B 374 13.90 10.34 37.41
C ALA B 374 15.19 10.03 38.16
N PHE B 375 15.08 9.86 39.48
CA PHE B 375 16.24 9.64 40.32
C PHE B 375 16.86 8.24 40.15
N LEU B 376 16.19 7.34 39.44
CA LEU B 376 16.72 5.98 39.24
C LEU B 376 18.09 5.97 38.56
N THR B 377 18.41 7.04 37.85
CA THR B 377 19.69 7.17 37.17
C THR B 377 20.62 8.17 37.85
N ASN B 378 20.51 8.28 39.17
CA ASN B 378 21.37 9.21 39.90
C ASN B 378 22.86 8.97 39.67
N ASP B 379 23.21 7.72 39.42
CA ASP B 379 24.61 7.33 39.22
C ASP B 379 24.89 6.77 37.82
N ILE B 380 23.97 6.98 36.90
CA ILE B 380 24.10 6.49 35.51
C ILE B 380 23.91 7.65 34.56
N HIS B 381 24.89 7.89 33.69
CA HIS B 381 24.82 9.05 32.80
C HIS B 381 25.23 8.68 31.39
N LEU B 383 26.36 10.45 27.46
CA LEU B 383 26.58 11.49 26.46
C LEU B 383 26.06 10.90 25.14
N PRO B 384 24.99 11.48 24.58
CA PRO B 384 24.22 10.77 23.56
C PRO B 384 24.75 10.98 22.14
N TYR B 385 25.98 11.45 22.00
CA TYR B 385 26.53 11.80 20.70
C TYR B 385 27.01 10.59 19.87
N PHE B 386 26.25 9.49 19.84
CA PHE B 386 26.70 8.26 19.18
C PHE B 386 26.97 8.43 17.68
N HIS B 387 26.27 9.38 17.06
CA HIS B 387 26.48 9.70 15.65
C HIS B 387 26.88 11.16 15.49
N GLY B 388 27.71 11.63 16.43
CA GLY B 388 28.14 13.02 16.45
C GLY B 388 27.11 13.92 17.13
N ASN B 389 27.37 15.21 17.18
CA ASN B 389 26.35 16.14 17.61
C ASN B 389 26.16 17.22 16.57
N ARG B 390 24.94 17.35 16.06
CA ARG B 390 24.60 18.40 15.12
C ARG B 390 24.42 19.76 15.83
N SER B 391 23.51 19.82 16.78
CA SER B 391 23.23 21.06 17.48
C SER B 391 23.36 20.84 18.98
N PRO B 392 24.04 21.77 19.67
CA PRO B 392 24.61 23.00 19.11
C PRO B 392 26.10 22.90 18.83
N ARG B 393 26.69 21.72 18.98
CA ARG B 393 28.14 21.59 18.89
C ARG B 393 28.66 21.45 17.46
N ALA B 394 27.81 21.02 16.53
CA ALA B 394 28.20 20.88 15.12
C ALA B 394 29.52 20.14 14.91
N ASN B 395 29.63 18.95 15.49
CA ASN B 395 30.82 18.15 15.35
C ASN B 395 30.40 16.71 15.09
N PRO B 396 30.48 16.29 13.82
CA PRO B 396 30.07 14.95 13.37
C PRO B 396 30.97 13.87 13.95
N ASN B 397 32.15 14.25 14.42
CA ASN B 397 33.12 13.28 14.91
C ASN B 397 33.03 12.94 16.41
N LEU B 398 32.10 13.56 17.14
CA LEU B 398 31.92 13.23 18.56
C LEU B 398 31.31 11.84 18.70
N THR B 399 31.49 11.24 19.88
CA THR B 399 30.97 9.89 20.15
C THR B 399 30.31 9.78 21.53
N GLY B 400 29.63 8.65 21.76
CA GLY B 400 28.90 8.45 23.00
C GLY B 400 29.72 7.96 24.17
N ILE B 401 29.21 8.22 25.37
CA ILE B 401 29.80 7.71 26.60
C ILE B 401 28.66 7.22 27.47
N ILE B 402 28.88 6.12 28.17
CA ILE B 402 27.93 5.68 29.18
C ILE B 402 28.65 5.34 30.48
N THR B 403 28.12 5.83 31.59
CA THR B 403 28.71 5.52 32.89
C THR B 403 27.76 4.69 33.76
N GLY B 404 28.26 4.21 34.89
CA GLY B 404 27.41 3.47 35.81
C GLY B 404 27.14 2.04 35.39
N LEU B 405 27.98 1.51 34.50
CA LEU B 405 27.84 0.15 33.98
C LEU B 405 28.12 -0.90 35.05
N LYS B 406 27.26 -1.92 35.11
CA LYS B 406 27.45 -3.02 36.04
C LYS B 406 27.49 -4.38 35.33
N LEU B 407 28.01 -5.38 36.03
CA LEU B 407 28.08 -6.75 35.54
C LEU B 407 26.73 -7.43 35.79
N SER B 408 25.74 -7.09 34.97
CA SER B 408 24.37 -7.50 35.24
C SER B 408 23.53 -7.40 33.97
N THR B 409 22.82 -8.48 33.63
CA THR B 409 22.00 -8.52 32.41
C THR B 409 20.53 -8.84 32.72
N THR B 410 19.83 -7.89 33.32
CA THR B 410 18.43 -8.08 33.68
C THR B 410 17.55 -7.02 33.03
N PRO B 411 16.24 -7.28 32.95
CA PRO B 411 15.32 -6.30 32.35
C PRO B 411 15.43 -4.97 33.07
N GLU B 412 15.69 -5.02 34.38
CA GLU B 412 15.86 -3.80 35.17
C GLU B 412 17.04 -2.96 34.70
N ASP B 413 18.16 -3.61 34.37
CA ASP B 413 19.31 -2.92 33.83
C ASP B 413 18.97 -2.29 32.49
N ALA B 415 16.06 -1.36 31.47
CA ALA B 415 15.17 -0.24 31.74
C ALA B 415 15.90 1.02 32.21
N LEU B 416 16.88 0.85 33.08
CA LEU B 416 17.65 2.00 33.56
C LEU B 416 18.41 2.65 32.42
N ARG B 417 19.05 1.82 31.62
CA ARG B 417 19.79 2.29 30.45
C ARG B 417 18.88 3.05 29.49
N TYR B 418 17.68 2.51 29.30
CA TYR B 418 16.67 3.16 28.46
C TYR B 418 16.25 4.53 29.02
N LEU B 419 16.07 4.59 30.34
CA LEU B 419 15.72 5.85 30.98
C LEU B 419 16.85 6.85 30.82
N ALA B 420 18.09 6.38 30.98
CA ALA B 420 19.25 7.28 30.89
C ALA B 420 19.35 7.88 29.50
N THR B 421 18.96 7.10 28.51
CA THR B 421 18.99 7.55 27.11
C THR B 421 17.97 8.68 26.89
N ILE B 422 16.74 8.44 27.32
CA ILE B 422 15.69 9.47 27.30
C ILE B 422 16.13 10.79 27.96
N GLN B 423 16.76 10.69 29.12
CA GLN B 423 17.19 11.90 29.83
C GLN B 423 18.35 12.56 29.11
N ALA B 424 19.26 11.76 28.56
CA ALA B 424 20.38 12.33 27.82
C ALA B 424 19.87 13.15 26.65
N LEU B 425 18.88 12.62 25.93
CA LEU B 425 18.31 13.33 24.79
C LEU B 425 17.58 14.58 25.23
N ALA B 426 16.90 14.49 26.37
CA ALA B 426 16.19 15.63 26.96
C ALA B 426 17.15 16.76 27.34
N LEU B 427 18.29 16.39 27.93
CA LEU B 427 19.33 17.34 28.27
C LEU B 427 19.98 17.93 27.02
N GLY B 428 20.09 17.12 25.98
CA GLY B 428 20.52 17.59 24.68
C GLY B 428 19.58 18.66 24.12
N THR B 429 18.29 18.44 24.25
CA THR B 429 17.28 19.42 23.84
C THR B 429 17.40 20.70 24.70
N ARG B 430 17.67 20.53 25.98
CA ARG B 430 17.89 21.67 26.88
C ARG B 430 19.03 22.56 26.37
N HIS B 431 20.14 21.92 26.00
CA HIS B 431 21.30 22.60 25.46
C HIS B 431 20.95 23.39 24.18
N ILE B 432 20.13 22.79 23.32
CA ILE B 432 19.74 23.46 22.08
C ILE B 432 18.89 24.70 22.42
N ILE B 433 17.98 24.52 23.36
CA ILE B 433 17.10 25.62 23.75
C ILE B 433 17.85 26.76 24.41
N GLU B 434 18.75 26.42 25.34
CA GLU B 434 19.55 27.43 26.01
C GLU B 434 20.44 28.19 25.01
N THR B 435 20.95 27.49 24.00
CA THR B 435 21.76 28.09 22.96
C THR B 435 20.95 29.09 22.15
N ASN B 437 18.27 30.59 23.24
CA ASN B 437 17.86 31.65 24.15
C ASN B 437 19.00 32.61 24.50
N GLN B 438 20.22 32.24 24.16
CA GLN B 438 21.38 33.11 24.36
C GLN B 438 21.73 33.79 23.03
N ASN B 439 20.95 33.51 22.00
CA ASN B 439 21.24 34.03 20.67
C ASN B 439 20.00 34.58 19.95
N GLY B 440 19.09 35.17 20.71
CA GLY B 440 17.97 35.88 20.12
C GLY B 440 16.58 35.38 20.47
N TYR B 441 16.48 34.23 21.12
CA TYR B 441 15.17 33.66 21.43
C TYR B 441 14.76 33.79 22.89
N ASN B 442 13.50 33.45 23.17
CA ASN B 442 12.97 33.48 24.52
C ASN B 442 12.03 32.30 24.75
N ILE B 443 12.44 31.14 24.23
CA ILE B 443 11.64 29.93 24.28
C ILE B 443 11.44 29.42 25.70
N ASP B 444 10.19 29.08 26.03
CA ASP B 444 9.86 28.48 27.31
C ASP B 444 8.78 27.41 27.13
N THR B 445 8.51 27.05 25.87
CA THR B 445 7.43 26.12 25.56
C THR B 445 7.77 25.24 24.34
N ALA B 448 5.47 19.35 20.32
CA ALA B 448 6.08 18.11 19.86
C ALA B 448 5.19 17.31 18.90
N SER B 449 5.83 16.60 17.98
CA SER B 449 5.13 15.69 17.09
C SER B 449 5.99 14.46 16.84
N GLY B 450 5.35 13.34 16.49
CA GLY B 450 6.07 12.16 16.08
C GLY B 450 6.68 11.38 17.22
N GLY B 451 7.74 10.64 16.90
CA GLY B 451 8.32 9.70 17.84
C GLY B 451 8.51 10.26 19.23
N GLY B 452 8.00 9.53 20.23
CA GLY B 452 8.18 9.89 21.62
C GLY B 452 6.94 10.50 22.24
N THR B 453 6.09 11.09 21.41
CA THR B 453 4.92 11.82 21.92
C THR B 453 3.86 10.89 22.49
N LYS B 454 3.90 9.61 22.13
CA LYS B 454 3.01 8.64 22.74
C LYS B 454 3.71 7.86 23.86
N ASN B 455 4.84 8.36 24.33
CA ASN B 455 5.61 7.73 25.41
C ASN B 455 5.59 8.65 26.62
N PRO B 456 4.75 8.33 27.61
CA PRO B 456 4.50 9.24 28.74
C PRO B 456 5.76 9.58 29.51
N ILE B 457 6.67 8.62 29.68
CA ILE B 457 7.91 8.90 30.37
C ILE B 457 8.85 9.76 29.50
N PHE B 458 8.90 9.47 28.20
CA PHE B 458 9.64 10.31 27.28
C PHE B 458 9.19 11.77 27.41
N VAL B 459 7.88 11.98 27.40
CA VAL B 459 7.32 13.34 27.43
C VAL B 459 7.59 14.06 28.75
N GLN B 460 7.24 13.41 29.86
CA GLN B 460 7.36 14.06 31.15
C GLN B 460 8.81 14.44 31.48
N GLU B 461 9.76 13.59 31.12
CA GLU B 461 11.15 13.85 31.47
C GLU B 461 11.80 14.87 30.53
N HIS B 462 11.22 15.06 29.35
CA HIS B 462 11.68 16.14 28.49
C HIS B 462 11.24 17.49 29.08
N ALA B 463 10.02 17.53 29.59
CA ALA B 463 9.53 18.69 30.33
C ALA B 463 10.38 19.01 31.59
N ASN B 464 10.68 17.97 32.37
CA ASN B 464 11.47 18.14 33.60
C ASN B 464 12.90 18.60 33.34
N ALA B 465 13.58 17.98 32.38
CA ALA B 465 14.96 18.32 32.06
C ALA B 465 15.14 19.73 31.49
N THR B 466 14.16 20.21 30.73
CA THR B 466 14.27 21.49 30.07
C THR B 466 13.63 22.63 30.88
N GLY B 467 12.75 22.28 31.81
CA GLY B 467 11.98 23.29 32.53
C GLY B 467 10.91 23.95 31.66
N CYS B 468 10.65 23.35 30.50
CA CYS B 468 9.62 23.82 29.57
C CYS B 468 8.45 22.85 29.47
N ALA B 469 7.23 23.37 29.41
CA ALA B 469 6.09 22.49 29.21
C ALA B 469 6.16 21.86 27.82
N LEU B 471 3.80 20.32 24.81
CA LEU B 471 2.41 20.34 24.39
C LEU B 471 2.19 19.34 23.27
N LEU B 472 1.28 18.39 23.48
CA LEU B 472 0.98 17.38 22.49
C LEU B 472 -0.26 17.76 21.70
N PRO B 473 -0.25 17.50 20.38
CA PRO B 473 -1.33 17.98 19.53
C PRO B 473 -2.55 17.07 19.61
N GLU B 474 -3.72 17.60 19.29
CA GLU B 474 -4.93 16.81 19.22
C GLU B 474 -4.82 15.81 18.07
N GLU B 475 -4.31 16.31 16.95
CA GLU B 475 -4.17 15.50 15.74
C GLU B 475 -2.71 15.08 15.58
N SER B 476 -2.45 13.79 15.61
CA SER B 476 -1.09 13.28 15.64
C SER B 476 -0.39 13.36 14.28
N GLU B 477 -1.19 13.33 13.21
CA GLU B 477 -0.65 13.36 11.85
C GLU B 477 -0.19 14.75 11.46
N ALA B 478 0.83 15.26 12.15
CA ALA B 478 1.23 16.67 12.03
C ALA B 478 1.58 17.15 10.62
N LEU B 480 0.75 15.75 7.60
CA LEU B 480 -0.44 15.68 6.76
C LEU B 480 -1.35 16.85 7.04
N LEU B 481 -1.47 17.21 8.33
CA LEU B 481 -2.31 18.33 8.74
C LEU B 481 -1.74 19.67 8.29
N GLY B 482 -0.43 19.86 8.46
CA GLY B 482 0.22 21.08 8.04
C GLY B 482 0.06 21.32 6.55
N SER B 483 0.23 20.28 5.74
CA SER B 483 0.08 20.42 4.30
C SER B 483 -1.36 20.77 3.94
N ALA B 484 -2.31 20.07 4.55
CA ALA B 484 -3.72 20.34 4.33
C ALA B 484 -4.04 21.78 4.68
N GLY B 487 -3.25 24.05 1.95
CA GLY B 487 -4.32 23.95 0.96
C GLY B 487 -5.46 24.91 1.21
N THR B 488 -5.79 25.14 2.49
CA THR B 488 -6.85 26.08 2.84
C THR B 488 -6.47 27.51 2.50
N VAL B 489 -5.19 27.83 2.61
CA VAL B 489 -4.74 29.16 2.26
C VAL B 489 -4.74 29.30 0.74
N ALA B 490 -4.19 28.31 0.04
CA ALA B 490 -4.22 28.32 -1.42
C ALA B 490 -5.64 28.47 -1.97
N ALA B 491 -6.60 27.77 -1.35
CA ALA B 491 -7.99 27.84 -1.76
C ALA B 491 -8.65 29.15 -1.30
N GLY B 492 -7.89 29.97 -0.59
CA GLY B 492 -8.38 31.24 -0.11
C GLY B 492 -9.33 31.16 1.07
N VAL B 493 -9.59 29.96 1.57
CA VAL B 493 -10.52 29.76 2.69
C VAL B 493 -10.05 30.47 3.96
N PHE B 494 -8.79 30.28 4.31
CA PHE B 494 -8.16 31.10 5.35
C PHE B 494 -7.24 32.10 4.68
N GLU B 495 -7.04 33.25 5.31
CA GLU B 495 -6.30 34.34 4.67
C GLU B 495 -4.79 34.29 4.92
N SER B 496 -4.37 33.56 5.95
CA SER B 496 -2.95 33.37 6.22
C SER B 496 -2.72 32.02 6.88
N LEU B 497 -1.46 31.62 7.00
CA LEU B 497 -1.12 30.36 7.64
C LEU B 497 -1.34 30.39 9.17
N PRO B 498 -0.86 31.44 9.85
CA PRO B 498 -1.13 31.56 11.28
C PRO B 498 -2.63 31.40 11.57
N GLU B 499 -3.44 32.02 10.72
CA GLU B 499 -4.89 31.89 10.72
C GLU B 499 -5.33 30.43 10.62
N ALA B 500 -4.91 29.76 9.54
CA ALA B 500 -5.26 28.36 9.34
C ALA B 500 -4.77 27.52 10.51
N ALA B 502 -4.18 28.35 13.69
CA ALA B 502 -5.00 28.60 14.89
C ALA B 502 -6.35 27.89 14.80
N ALA B 503 -6.88 27.78 13.59
CA ALA B 503 -8.20 27.18 13.42
C ALA B 503 -8.16 25.66 13.33
N SER B 505 -5.52 23.38 14.32
CA SER B 505 -4.78 22.59 15.31
C SER B 505 -5.05 23.10 16.72
N ARG B 506 -5.08 22.19 17.67
CA ARG B 506 -5.21 22.57 19.07
C ARG B 506 -4.51 21.57 19.98
N ILE B 507 -4.24 22.02 21.20
CA ILE B 507 -3.54 21.19 22.16
C ILE B 507 -4.45 20.10 22.71
N GLY B 508 -3.94 18.88 22.73
CA GLY B 508 -4.72 17.78 23.26
C GLY B 508 -4.26 17.47 24.68
N LYS B 509 -2.99 17.73 24.94
CA LYS B 509 -2.42 17.45 26.25
C LYS B 509 -1.24 18.35 26.54
N THR B 510 -1.21 18.89 27.75
CA THR B 510 -0.11 19.74 28.19
C THR B 510 0.60 19.06 29.35
N VAL B 511 1.90 18.84 29.20
CA VAL B 511 2.68 18.23 30.27
C VAL B 511 3.69 19.21 30.85
N THR B 512 3.46 19.62 32.09
CA THR B 512 4.32 20.60 32.73
C THR B 512 5.47 19.94 33.45
N PRO B 513 6.56 20.70 33.66
CA PRO B 513 7.63 20.23 34.54
C PRO B 513 7.02 19.99 35.90
N GLN B 514 7.60 19.09 36.67
CA GLN B 514 7.02 18.76 37.96
C GLN B 514 7.59 19.61 39.09
N THR B 515 7.95 18.97 40.21
CA THR B 515 8.36 19.69 41.41
C THR B 515 9.73 20.34 41.31
N ASN B 516 10.04 21.21 42.27
CA ASN B 516 11.34 21.88 42.35
C ASN B 516 12.47 20.89 42.57
N LYS B 517 12.17 19.85 43.32
CA LYS B 517 13.13 18.81 43.62
C LYS B 517 13.57 18.10 42.34
N ILE B 518 12.60 17.72 41.52
CA ILE B 518 12.87 17.03 40.27
C ILE B 518 13.66 17.91 39.32
N LYS B 519 13.24 19.17 39.17
CA LYS B 519 13.92 20.11 38.29
C LYS B 519 15.38 20.32 38.70
N ALA B 520 15.63 20.39 40.00
CA ALA B 520 16.99 20.58 40.49
C ALA B 520 17.82 19.33 40.26
N TYR B 521 17.17 18.17 40.28
CA TYR B 521 17.85 16.94 39.95
C TYR B 521 18.39 17.03 38.53
N TYR B 522 17.57 17.52 37.61
CA TYR B 522 17.97 17.64 36.20
C TYR B 522 19.02 18.74 36.00
N ASP B 523 18.96 19.77 36.84
CA ASP B 523 20.00 20.79 36.84
C ASP B 523 21.36 20.14 37.15
N ARG B 524 21.38 19.20 38.07
CA ARG B 524 22.62 18.50 38.37
C ARG B 524 23.03 17.55 37.23
N LYS B 525 22.08 16.79 36.71
CA LYS B 525 22.33 15.91 35.55
C LYS B 525 22.90 16.70 34.37
N TYR B 526 22.39 17.91 34.18
CA TYR B 526 22.85 18.80 33.12
C TYR B 526 24.30 19.24 33.35
N ARG B 527 24.69 19.44 34.60
CA ARG B 527 26.09 19.75 34.91
C ARG B 527 27.01 18.57 34.53
N VAL B 528 26.56 17.35 34.83
CA VAL B 528 27.31 16.16 34.45
C VAL B 528 27.34 16.02 32.91
N PHE B 529 26.20 16.27 32.27
CA PHE B 529 26.08 16.22 30.81
C PHE B 529 27.13 17.10 30.12
N HIS B 530 27.26 18.34 30.59
CA HIS B 530 28.30 19.24 30.08
C HIS B 530 29.71 18.80 30.42
N GLN B 531 29.92 18.32 31.64
CA GLN B 531 31.23 17.84 32.06
C GLN B 531 31.73 16.66 31.19
N TYR B 533 31.27 16.04 28.01
CA TYR B 533 31.85 16.52 26.76
C TYR B 533 33.29 16.96 27.01
N HIS B 534 33.49 17.77 28.04
CA HIS B 534 34.84 18.21 28.40
C HIS B 534 35.76 17.04 28.76
N ASP B 535 35.20 16.02 29.41
CA ASP B 535 36.00 14.83 29.71
C ASP B 535 36.40 14.11 28.42
N HIS B 536 35.45 13.98 27.49
CA HIS B 536 35.73 13.40 26.19
C HIS B 536 36.91 14.07 25.49
N ARG B 538 39.23 15.86 26.90
CA ARG B 538 40.44 15.62 27.68
C ARG B 538 41.08 14.25 27.35
N TYR B 539 40.28 13.19 27.23
CA TYR B 539 40.84 11.89 26.85
C TYR B 539 41.55 12.00 25.52
N GLN B 540 40.90 12.67 24.57
CA GLN B 540 41.44 12.87 23.25
C GLN B 540 42.80 13.57 23.37
N ALA B 541 42.86 14.58 24.24
CA ALA B 541 44.09 15.35 24.45
C ALA B 541 45.21 14.50 25.08
N LEU B 542 44.84 13.65 26.02
CA LEU B 542 45.82 12.77 26.65
C LEU B 542 46.40 11.76 25.65
N GLN B 544 46.73 12.25 22.68
CA GLN B 544 47.59 13.23 22.00
C GLN B 544 47.20 13.51 20.57
#